data_5C70
#
_entry.id   5C70
#
_cell.length_a   110.320
_cell.length_b   110.320
_cell.length_c   480.722
_cell.angle_alpha   90.000
_cell.angle_beta   90.000
_cell.angle_gamma   120.000
#
_symmetry.space_group_name_H-M   'P 61 2 2'
#
_entity_poly.entity_id   1
_entity_poly.type   'polypeptide(L)'
_entity_poly.pdbx_seq_one_letter_code
;AAQGSAGSMLKPQQTTTRDLISLDGLWKFALASDDNNTQPWTSQLKTSLECPVPASYNDIFADSKIHDHVGWVYYQRDVI
VPKGWSEERYLVRCEAATHHGRIYVNGNLVADHVGGYTPFEADITDLVAAGEQFRLTIAVDNELTYQTIPPGKVEILEAT
GKKVQTYQHDFYNYAGLARSVWLYSVPQQHIQDITVRTDVQGTTGLIDYNVVASTTQGTIQVAVIDEDGTTVATSSGSNG
TIHIPSVHLWQPGAAYLYQLHASIIDSSKKTIDTYKLATGIRTVKVQGTQFLINDKPFYFTGFGKHEDTNIRGKGHDDAY
MVHDFQLLHWMGANSFRTSHYPYAEEVMEYADRQGIVVIDETPAVGLAFSIGAGAQTSNPPATFSPDRINNKTREAHAQA
IRELIHRDKNHPSVVMWSIANEPASNEDGAREYFAPLPKLARQLDPTRPVTFANVGLATYKADRIADLFDVLCLNRYFGW
YTQTAELDEAEAALEEELRGWTEKYDKPIVMTEYGADTVAGLHSVMVTPWSEEFQVEMLDMYHRVFDRFEAMAGEQVWNF
ADFQTAVGVSRVDGNKKGVFTRDRKPKAAAHLLRKRWTNLHNGTAEGGKTFQ
;
_entity_poly.pdbx_strand_id   A,B
#
# COMPACT_ATOMS: atom_id res chain seq x y z
N ALA A 1 -14.73 8.95 -25.64
CA ALA A 1 -15.03 7.47 -25.69
C ALA A 1 -16.00 7.08 -26.82
N ALA A 2 -15.44 6.57 -27.92
CA ALA A 2 -16.16 6.44 -29.21
C ALA A 2 -16.19 4.96 -29.67
N GLN A 3 -17.23 4.57 -30.38
CA GLN A 3 -17.36 3.18 -30.87
C GLN A 3 -16.43 2.86 -32.06
N GLY A 4 -15.63 1.80 -31.95
CA GLY A 4 -14.65 1.44 -32.97
C GLY A 4 -13.23 1.99 -32.83
N SER A 5 -12.82 2.42 -31.62
CA SER A 5 -11.59 3.22 -31.39
C SER A 5 -11.20 3.38 -29.86
N ALA A 6 -10.00 3.92 -29.56
CA ALA A 6 -9.50 4.12 -28.16
C ALA A 6 -8.66 5.41 -27.88
N GLY A 7 -9.21 6.34 -27.09
CA GLY A 7 -8.59 7.64 -26.87
C GLY A 7 -7.74 7.97 -25.62
N SER A 8 -7.11 6.96 -24.98
CA SER A 8 -6.16 7.19 -23.83
C SER A 8 -4.90 7.75 -24.43
N MET A 9 -4.11 8.46 -23.62
CA MET A 9 -2.74 8.76 -24.02
C MET A 9 -1.76 7.70 -23.51
N LEU A 10 -0.47 7.99 -23.65
CA LEU A 10 0.56 7.11 -23.13
C LEU A 10 0.54 7.25 -21.64
N LYS A 11 1.07 6.25 -20.95
CA LYS A 11 1.20 6.32 -19.50
C LYS A 11 2.00 7.55 -19.08
N PRO A 12 1.33 8.48 -18.38
CA PRO A 12 1.99 9.71 -17.95
C PRO A 12 3.31 9.38 -17.25
N GLN A 13 4.36 10.10 -17.63
CA GLN A 13 5.62 10.07 -16.89
C GLN A 13 6.16 11.49 -16.76
N GLN A 14 7.21 11.65 -15.94
CA GLN A 14 7.89 12.94 -15.75
C GLN A 14 9.09 13.06 -16.66
N THR A 15 9.31 14.25 -17.19
CA THR A 15 10.51 14.44 -17.98
C THR A 15 11.09 15.83 -17.85
N THR A 16 12.19 16.06 -18.57
CA THR A 16 12.70 17.41 -18.83
C THR A 16 11.58 18.33 -19.31
N THR A 17 10.53 17.75 -19.92
CA THR A 17 9.45 18.47 -20.66
C THR A 17 8.01 18.34 -20.12
N ARG A 18 7.73 17.21 -19.45
CA ARG A 18 6.43 16.98 -18.82
C ARG A 18 6.58 16.90 -17.33
N ASP A 19 5.53 17.28 -16.62
CA ASP A 19 5.56 17.22 -15.17
C ASP A 19 4.43 16.34 -14.62
N LEU A 20 4.68 15.68 -13.50
CA LEU A 20 3.73 14.67 -12.95
C LEU A 20 3.45 14.87 -11.46
N ILE A 21 2.18 14.72 -11.07
CA ILE A 21 1.76 14.89 -9.68
C ILE A 21 0.79 13.82 -9.20
N SER A 22 1.04 13.22 -8.06
CA SER A 22 0.14 12.17 -7.58
C SER A 22 -1.05 12.72 -6.80
N LEU A 23 -2.25 12.26 -7.16
CA LEU A 23 -3.45 12.64 -6.42
C LEU A 23 -3.86 11.63 -5.34
N ASP A 24 -3.14 10.51 -5.26
CA ASP A 24 -3.32 9.51 -4.23
C ASP A 24 -3.24 10.14 -2.84
N GLY A 25 -4.00 9.58 -1.91
CA GLY A 25 -3.98 10.04 -0.53
C GLY A 25 -5.31 9.62 0.03
N LEU A 26 -5.75 10.26 1.08
CA LEU A 26 -7.10 10.00 1.51
C LEU A 26 -7.95 11.03 0.83
N TRP A 27 -9.14 10.64 0.40
CA TRP A 27 -10.13 11.57 -0.14
C TRP A 27 -11.40 11.51 0.68
N LYS A 28 -12.09 12.63 0.76
CA LYS A 28 -13.43 12.58 1.30
C LYS A 28 -14.25 11.60 0.45
N PHE A 29 -15.16 10.91 1.10
CA PHE A 29 -15.87 9.79 0.48
C PHE A 29 -17.33 9.78 0.96
N ALA A 30 -18.27 9.55 0.05
CA ALA A 30 -19.62 9.32 0.50
C ALA A 30 -20.43 8.49 -0.48
N LEU A 31 -21.59 8.02 -0.03
CA LEU A 31 -22.38 7.12 -0.85
C LEU A 31 -23.44 7.91 -1.57
N ALA A 32 -23.85 7.40 -2.73
CA ALA A 32 -25.01 7.92 -3.38
C ALA A 32 -26.12 7.87 -2.35
N SER A 33 -26.91 8.93 -2.28
CA SER A 33 -28.02 9.04 -1.32
C SER A 33 -29.31 8.33 -1.82
N THR A 38 -27.78 14.39 -2.96
CA THR A 38 -28.09 14.43 -4.40
C THR A 38 -27.32 15.53 -5.18
N GLN A 39 -26.71 15.14 -6.31
CA GLN A 39 -25.73 15.96 -7.06
C GLN A 39 -24.60 16.51 -6.19
N PRO A 40 -23.88 15.64 -5.45
CA PRO A 40 -22.84 16.06 -4.50
C PRO A 40 -21.64 16.81 -5.07
N TRP A 41 -21.46 16.80 -6.40
CA TRP A 41 -20.24 17.34 -7.00
C TRP A 41 -20.23 18.87 -7.18
N THR A 42 -21.29 19.53 -6.71
CA THR A 42 -21.50 20.96 -6.95
C THR A 42 -21.19 21.80 -5.73
N SER A 43 -20.90 21.14 -4.61
CA SER A 43 -20.49 21.81 -3.38
C SER A 43 -19.43 20.94 -2.77
N GLN A 44 -18.82 21.38 -1.68
CA GLN A 44 -17.82 20.58 -0.97
C GLN A 44 -18.40 19.27 -0.42
N LEU A 45 -17.60 18.51 0.31
CA LEU A 45 -18.15 17.27 0.85
C LEU A 45 -18.35 17.24 2.36
N LYS A 46 -19.45 16.63 2.76
CA LYS A 46 -19.91 16.59 4.14
C LYS A 46 -19.75 15.17 4.76
N THR A 47 -18.52 14.78 5.10
CA THR A 47 -18.26 13.48 5.76
C THR A 47 -16.96 13.54 6.51
N SER A 48 -16.91 12.85 7.64
CA SER A 48 -15.64 12.50 8.27
C SER A 48 -15.08 11.26 7.60
N LEU A 49 -15.82 10.73 6.62
CA LEU A 49 -15.43 9.53 5.88
C LEU A 49 -14.38 9.83 4.82
N GLU A 50 -13.19 9.27 5.02
CA GLU A 50 -12.10 9.41 4.07
C GLU A 50 -11.71 8.04 3.59
N CYS A 51 -11.54 7.89 2.29
CA CYS A 51 -11.12 6.62 1.71
C CYS A 51 -9.79 6.78 0.97
N PRO A 52 -8.84 5.87 1.23
CA PRO A 52 -7.57 5.93 0.52
C PRO A 52 -7.82 5.73 -0.97
N VAL A 53 -6.98 6.26 -1.84
CA VAL A 53 -7.35 6.18 -3.24
C VAL A 53 -6.93 4.84 -3.76
N PRO A 54 -5.62 4.68 -4.05
CA PRO A 54 -5.34 3.36 -4.64
C PRO A 54 -5.89 2.27 -3.69
N ALA A 55 -7.09 1.74 -4.02
CA ALA A 55 -7.83 0.83 -3.14
C ALA A 55 -9.25 0.66 -3.61
N SER A 56 -9.85 -0.48 -3.28
CA SER A 56 -11.27 -0.70 -3.47
C SER A 56 -11.92 -0.40 -2.12
N TYR A 57 -13.06 0.30 -2.12
CA TYR A 57 -13.62 0.78 -0.87
C TYR A 57 -14.31 -0.26 0.00
N ASN A 58 -14.78 -1.35 -0.59
CA ASN A 58 -15.73 -2.23 0.08
C ASN A 58 -15.28 -2.73 1.45
N ASP A 59 -14.05 -3.20 1.54
CA ASP A 59 -13.56 -3.75 2.80
C ASP A 59 -13.03 -2.68 3.74
N ILE A 60 -12.76 -1.48 3.23
CA ILE A 60 -11.97 -0.51 3.98
C ILE A 60 -12.60 -0.06 5.27
N PHE A 61 -13.92 0.04 5.28
CA PHE A 61 -14.57 0.82 6.32
C PHE A 61 -15.08 0.06 7.54
N ALA A 62 -15.11 -1.27 7.44
CA ALA A 62 -15.74 -2.12 8.47
C ALA A 62 -17.23 -1.83 8.63
N ASP A 63 -17.81 -1.23 7.59
CA ASP A 63 -19.22 -0.86 7.56
C ASP A 63 -19.95 -1.77 6.59
N SER A 64 -21.07 -2.34 7.03
CA SER A 64 -21.88 -3.24 6.19
C SER A 64 -22.58 -2.51 5.06
N LYS A 65 -23.19 -1.39 5.40
CA LYS A 65 -23.89 -0.58 4.43
C LYS A 65 -22.98 -0.20 3.27
N ILE A 66 -21.79 0.30 3.58
CA ILE A 66 -20.80 0.66 2.57
C ILE A 66 -20.35 -0.52 1.71
N HIS A 67 -19.97 -1.63 2.35
CA HIS A 67 -19.55 -2.83 1.62
C HIS A 67 -20.63 -3.31 0.67
N ASP A 68 -21.87 -3.32 1.17
CA ASP A 68 -23.05 -3.81 0.43
C ASP A 68 -23.61 -2.85 -0.61
N HIS A 69 -23.14 -1.61 -0.64
CA HIS A 69 -23.79 -0.54 -1.42
C HIS A 69 -23.93 -0.88 -2.90
N VAL A 70 -25.14 -0.65 -3.44
CA VAL A 70 -25.34 -0.74 -4.90
C VAL A 70 -25.60 0.64 -5.52
N GLY A 71 -24.66 1.08 -6.35
CA GLY A 71 -24.79 2.33 -7.09
C GLY A 71 -23.52 3.13 -7.16
N TRP A 72 -23.68 4.45 -7.07
CA TRP A 72 -22.61 5.41 -7.25
C TRP A 72 -21.98 5.76 -5.91
N VAL A 73 -20.69 6.06 -5.90
CA VAL A 73 -20.05 6.64 -4.72
C VAL A 73 -19.29 7.85 -5.17
N TYR A 74 -18.90 8.71 -4.22
CA TYR A 74 -18.25 9.96 -4.56
C TYR A 74 -16.93 10.16 -3.81
N TYR A 75 -15.82 10.14 -4.54
CA TYR A 75 -14.53 10.60 -4.05
C TYR A 75 -14.33 12.09 -4.31
N GLN A 76 -13.73 12.79 -3.37
CA GLN A 76 -13.51 14.23 -3.55
C GLN A 76 -12.28 14.72 -2.81
N ARG A 77 -11.64 15.74 -3.37
CA ARG A 77 -10.53 16.42 -2.75
C ARG A 77 -10.27 17.69 -3.54
N ASP A 78 -9.64 18.66 -2.91
CA ASP A 78 -9.24 19.83 -3.65
C ASP A 78 -7.92 19.57 -4.39
N VAL A 79 -7.73 20.28 -5.50
CA VAL A 79 -6.47 20.24 -6.22
C VAL A 79 -6.02 21.64 -6.59
N ILE A 80 -4.72 21.86 -6.62
CA ILE A 80 -4.16 23.12 -7.05
C ILE A 80 -3.29 22.84 -8.27
N VAL A 81 -3.55 23.56 -9.36
CA VAL A 81 -2.65 23.50 -10.52
C VAL A 81 -1.42 24.32 -10.19
N PRO A 82 -0.22 23.74 -10.35
CA PRO A 82 0.97 24.52 -10.02
C PRO A 82 1.01 25.73 -10.92
N LYS A 83 1.47 26.86 -10.39
CA LYS A 83 1.54 28.09 -11.16
C LYS A 83 2.56 27.96 -12.30
N GLY A 84 3.46 26.99 -12.19
CA GLY A 84 4.43 26.76 -13.25
C GLY A 84 3.88 26.16 -14.54
N TRP A 85 2.56 25.92 -14.58
CA TRP A 85 1.97 25.10 -15.62
C TRP A 85 1.55 25.83 -16.88
N SER A 86 1.04 27.06 -16.78
CA SER A 86 0.57 27.82 -17.98
C SER A 86 1.59 27.75 -19.12
N GLU A 87 1.11 27.76 -20.36
CA GLU A 87 1.96 27.43 -21.50
C GLU A 87 2.24 25.93 -21.58
N GLU A 88 1.69 25.19 -20.63
CA GLU A 88 1.72 23.76 -20.71
C GLU A 88 0.27 23.34 -20.67
N ARG A 89 -0.04 22.30 -21.43
CA ARG A 89 -1.35 21.74 -21.48
C ARG A 89 -1.32 20.70 -20.38
N TYR A 90 -2.36 20.66 -19.55
CA TYR A 90 -2.42 19.73 -18.41
C TYR A 90 -3.76 19.02 -18.22
N LEU A 91 -3.73 17.85 -17.61
CA LEU A 91 -4.95 17.09 -17.43
C LEU A 91 -4.91 16.08 -16.31
N VAL A 92 -6.09 15.47 -16.08
CA VAL A 92 -6.40 14.66 -14.90
C VAL A 92 -6.75 13.25 -15.36
N ARG A 93 -6.06 12.26 -14.79
CA ARG A 93 -6.22 10.88 -15.23
C ARG A 93 -6.56 9.92 -14.10
N CYS A 94 -7.36 8.91 -14.42
CA CYS A 94 -7.62 7.80 -13.53
C CYS A 94 -7.08 6.55 -14.23
N GLU A 95 -6.14 5.85 -13.59
CA GLU A 95 -5.60 4.60 -14.15
C GLU A 95 -6.71 3.57 -14.33
N ALA A 96 -7.69 3.59 -13.42
CA ALA A 96 -8.88 2.76 -13.50
C ALA A 96 -9.93 3.29 -12.54
N ALA A 97 -11.19 3.25 -12.97
CA ALA A 97 -12.32 3.38 -12.03
C ALA A 97 -12.94 2.01 -11.81
N THR A 98 -13.71 1.89 -10.72
CA THR A 98 -14.08 0.60 -10.18
C THR A 98 -14.58 -0.23 -11.30
N HIS A 99 -15.72 0.27 -11.85
CA HIS A 99 -16.32 -0.01 -13.17
C HIS A 99 -16.62 1.29 -13.94
N HIS A 100 -17.63 2.04 -13.50
CA HIS A 100 -18.07 3.23 -14.24
C HIS A 100 -17.65 4.52 -13.54
N GLY A 101 -16.65 5.21 -14.11
CA GLY A 101 -16.13 6.44 -13.52
C GLY A 101 -16.63 7.72 -14.17
N ARG A 102 -16.78 8.78 -13.36
CA ARG A 102 -17.04 10.13 -13.83
C ARG A 102 -16.19 11.20 -13.14
N ILE A 103 -15.64 12.13 -13.93
CA ILE A 103 -14.78 13.20 -13.40
C ILE A 103 -15.45 14.58 -13.45
N TYR A 104 -15.57 15.23 -12.30
CA TYR A 104 -16.14 16.58 -12.23
C TYR A 104 -15.06 17.58 -11.83
N VAL A 105 -14.80 18.57 -12.68
CA VAL A 105 -13.97 19.70 -12.28
C VAL A 105 -14.92 20.74 -11.76
N ASN A 106 -14.91 20.90 -10.44
CA ASN A 106 -15.65 21.95 -9.77
C ASN A 106 -17.15 21.81 -9.91
N GLY A 107 -17.61 20.73 -10.53
CA GLY A 107 -19.05 20.67 -10.78
C GLY A 107 -19.48 20.90 -12.21
N ASN A 108 -18.57 20.65 -13.13
CA ASN A 108 -18.93 20.37 -14.51
C ASN A 108 -18.41 18.98 -14.82
N LEU A 109 -19.25 18.16 -15.46
CA LEU A 109 -18.83 16.85 -15.87
C LEU A 109 -17.78 16.98 -16.97
N VAL A 110 -16.63 16.34 -16.80
CA VAL A 110 -15.50 16.47 -17.72
C VAL A 110 -15.13 15.15 -18.38
N ALA A 111 -15.53 14.04 -17.76
CA ALA A 111 -15.31 12.71 -18.35
C ALA A 111 -16.24 11.66 -17.80
N ASP A 112 -16.59 10.73 -18.68
CA ASP A 112 -17.47 9.62 -18.37
C ASP A 112 -16.93 8.38 -19.08
N HIS A 113 -16.70 7.29 -18.34
CA HIS A 113 -15.94 6.16 -18.87
C HIS A 113 -16.37 4.79 -18.36
N VAL A 114 -16.64 3.88 -19.29
CA VAL A 114 -17.37 2.69 -18.95
C VAL A 114 -16.50 1.48 -18.60
N GLY A 115 -15.36 1.29 -19.26
CA GLY A 115 -14.42 0.29 -18.74
C GLY A 115 -14.06 0.37 -17.24
N GLY A 116 -13.80 -0.77 -16.61
CA GLY A 116 -13.46 -0.80 -15.18
C GLY A 116 -12.00 -1.05 -14.82
N TYR A 117 -11.14 -1.11 -15.83
CA TYR A 117 -9.76 -1.64 -15.69
C TYR A 117 -8.68 -0.96 -16.58
N THR A 118 -9.09 0.14 -17.21
CA THR A 118 -8.31 0.86 -18.22
C THR A 118 -8.40 2.36 -17.94
N PRO A 119 -7.37 3.11 -18.37
CA PRO A 119 -7.37 4.51 -17.96
C PRO A 119 -8.39 5.40 -18.66
N PHE A 120 -8.61 6.58 -18.10
CA PHE A 120 -9.36 7.61 -18.78
C PHE A 120 -8.95 8.93 -18.14
N GLU A 121 -9.10 10.02 -18.90
CA GLU A 121 -8.50 11.28 -18.52
C GLU A 121 -9.29 12.39 -19.15
N ALA A 122 -9.11 13.60 -18.63
CA ALA A 122 -9.77 14.78 -19.16
C ALA A 122 -8.77 15.94 -19.24
N ASP A 123 -8.74 16.60 -20.41
CA ASP A 123 -7.89 17.79 -20.64
C ASP A 123 -8.53 19.00 -19.98
N ILE A 124 -7.90 19.52 -18.94
CA ILE A 124 -8.60 20.52 -18.14
C ILE A 124 -8.00 21.91 -18.33
N THR A 125 -7.18 22.08 -19.38
CA THR A 125 -6.29 23.23 -19.47
C THR A 125 -7.04 24.54 -19.69
N ASP A 126 -8.12 24.49 -20.48
CA ASP A 126 -8.93 25.69 -20.74
C ASP A 126 -9.96 25.93 -19.64
N LEU A 127 -9.94 25.07 -18.62
CA LEU A 127 -11.03 24.90 -17.66
C LEU A 127 -10.63 25.39 -16.28
N VAL A 128 -9.38 25.16 -15.92
CA VAL A 128 -8.77 25.82 -14.76
C VAL A 128 -7.49 26.52 -15.22
N ALA A 129 -7.03 27.48 -14.42
CA ALA A 129 -5.82 28.22 -14.74
C ALA A 129 -4.68 27.71 -13.90
N ALA A 130 -3.48 27.71 -14.48
CA ALA A 130 -2.26 27.51 -13.70
C ALA A 130 -2.29 28.44 -12.50
N GLY A 131 -2.07 27.88 -11.30
CA GLY A 131 -2.10 28.64 -10.03
C GLY A 131 -3.45 28.59 -9.30
N GLU A 132 -4.48 28.17 -10.02
CA GLU A 132 -5.84 28.12 -9.52
C GLU A 132 -6.08 26.82 -8.73
N GLN A 133 -7.11 26.83 -7.89
CA GLN A 133 -7.53 25.66 -7.13
C GLN A 133 -8.98 25.26 -7.46
N PHE A 134 -9.19 23.98 -7.72
CA PHE A 134 -10.53 23.48 -8.03
C PHE A 134 -10.89 22.30 -7.16
N ARG A 135 -12.14 21.90 -7.29
CA ARG A 135 -12.67 20.80 -6.53
C ARG A 135 -12.83 19.60 -7.44
N LEU A 136 -11.86 18.68 -7.33
CA LEU A 136 -11.89 17.43 -8.06
C LEU A 136 -12.84 16.50 -7.35
N THR A 137 -13.94 16.16 -7.99
CA THR A 137 -14.74 15.09 -7.47
C THR A 137 -14.96 14.01 -8.53
N ILE A 138 -14.74 12.76 -8.14
CA ILE A 138 -14.77 11.63 -9.05
C ILE A 138 -15.83 10.66 -8.58
N ALA A 139 -16.72 10.26 -9.48
CA ALA A 139 -17.85 9.39 -9.13
C ALA A 139 -17.62 8.00 -9.67
N VAL A 140 -17.76 7.00 -8.81
CA VAL A 140 -17.59 5.62 -9.26
C VAL A 140 -18.83 4.80 -8.94
N ASP A 141 -19.41 4.22 -10.00
CA ASP A 141 -20.61 3.39 -9.90
C ASP A 141 -20.14 1.96 -10.04
N ASN A 142 -20.62 1.10 -9.14
CA ASN A 142 -20.25 -0.32 -9.19
C ASN A 142 -21.32 -1.21 -9.79
N GLU A 143 -22.29 -0.64 -10.50
CA GLU A 143 -23.42 -1.42 -10.98
C GLU A 143 -23.16 -2.22 -12.26
N LEU A 144 -23.31 -3.54 -12.21
CA LEU A 144 -23.26 -4.36 -13.42
C LEU A 144 -24.65 -4.66 -14.00
N THR A 145 -24.69 -4.86 -15.31
CA THR A 145 -25.91 -5.08 -16.09
C THR A 145 -25.60 -6.13 -17.13
N TYR A 146 -26.56 -6.45 -18.00
CA TYR A 146 -26.29 -7.43 -19.07
C TYR A 146 -25.36 -6.88 -20.14
N GLN A 147 -25.26 -5.54 -20.20
CA GLN A 147 -24.42 -4.89 -21.21
C GLN A 147 -23.05 -4.51 -20.71
N THR A 148 -22.87 -4.44 -19.39
CA THR A 148 -21.57 -4.11 -18.82
C THR A 148 -20.63 -5.28 -18.93
N ILE A 149 -19.35 -5.00 -19.01
CA ILE A 149 -18.47 -6.03 -19.52
C ILE A 149 -17.88 -7.02 -18.53
N PRO A 150 -17.97 -6.77 -17.21
CA PRO A 150 -18.40 -8.03 -16.59
C PRO A 150 -19.91 -7.93 -16.39
N PRO A 151 -20.70 -8.84 -17.02
CA PRO A 151 -22.18 -8.87 -17.03
C PRO A 151 -22.78 -9.18 -15.69
N GLY A 152 -23.98 -8.64 -15.44
CA GLY A 152 -24.70 -8.92 -14.20
C GLY A 152 -26.04 -8.23 -14.20
N LYS A 153 -26.81 -8.38 -13.12
CA LYS A 153 -28.09 -7.70 -12.98
C LYS A 153 -28.30 -7.32 -11.52
N VAL A 154 -28.67 -6.08 -11.25
CA VAL A 154 -29.14 -5.74 -9.93
C VAL A 154 -30.56 -6.27 -9.71
N GLU A 155 -30.78 -6.92 -8.57
CA GLU A 155 -32.13 -7.31 -8.14
C GLU A 155 -32.52 -6.75 -6.80
N ILE A 156 -33.78 -6.96 -6.43
CA ILE A 156 -34.31 -6.47 -5.16
C ILE A 156 -34.90 -7.58 -4.30
N LEU A 157 -34.69 -7.49 -3.00
CA LEU A 157 -35.07 -8.54 -2.05
C LEU A 157 -36.52 -8.39 -1.60
N GLU A 158 -37.37 -9.33 -2.00
CA GLU A 158 -38.82 -9.20 -1.85
C GLU A 158 -39.26 -8.64 -0.50
N ALA A 159 -38.69 -9.19 0.59
CA ALA A 159 -39.07 -8.79 1.96
C ALA A 159 -38.50 -7.45 2.43
N THR A 160 -37.17 -7.33 2.47
CA THR A 160 -36.52 -6.11 2.96
C THR A 160 -36.37 -5.02 1.89
N GLY A 161 -36.50 -5.41 0.63
CA GLY A 161 -36.30 -4.47 -0.47
C GLY A 161 -34.87 -4.05 -0.80
N LYS A 162 -33.89 -4.69 -0.15
CA LYS A 162 -32.47 -4.34 -0.29
C LYS A 162 -31.94 -4.58 -1.72
N LYS A 163 -31.07 -3.69 -2.18
CA LYS A 163 -30.45 -3.86 -3.50
C LYS A 163 -29.26 -4.80 -3.43
N VAL A 164 -29.11 -5.59 -4.46
CA VAL A 164 -28.28 -6.77 -4.40
C VAL A 164 -27.70 -7.02 -5.79
N GLN A 165 -26.40 -7.18 -5.88
CA GLN A 165 -25.74 -7.24 -7.18
C GLN A 165 -25.43 -8.68 -7.62
N THR A 166 -26.21 -9.23 -8.56
CA THR A 166 -25.88 -10.56 -9.10
C THR A 166 -24.80 -10.50 -10.21
N TYR A 167 -24.02 -11.58 -10.31
CA TYR A 167 -23.05 -11.76 -11.37
C TYR A 167 -22.63 -13.22 -11.41
N GLN A 168 -21.90 -13.62 -12.43
CA GLN A 168 -21.66 -15.04 -12.73
C GLN A 168 -20.22 -15.47 -12.40
N HIS A 169 -19.37 -14.52 -12.06
CA HIS A 169 -17.96 -14.81 -11.74
C HIS A 169 -17.82 -15.25 -10.28
N ASP A 170 -16.63 -15.79 -9.97
CA ASP A 170 -16.14 -16.08 -8.61
C ASP A 170 -15.78 -14.99 -7.66
N PHE A 171 -14.99 -14.05 -8.19
CA PHE A 171 -14.25 -13.11 -7.35
C PHE A 171 -15.23 -12.03 -7.02
N TYR A 172 -15.09 -11.48 -5.81
CA TYR A 172 -15.94 -10.40 -5.32
C TYR A 172 -15.92 -9.14 -6.19
N ASN A 173 -17.05 -8.46 -6.22
CA ASN A 173 -17.26 -7.26 -7.01
C ASN A 173 -16.75 -5.98 -6.33
N TYR A 174 -15.46 -5.96 -6.04
CA TYR A 174 -14.86 -4.81 -5.40
C TYR A 174 -14.98 -3.53 -6.27
N ALA A 175 -15.53 -2.47 -5.70
CA ALA A 175 -15.66 -1.18 -6.37
C ALA A 175 -14.71 -0.08 -5.89
N GLY A 176 -14.56 0.98 -6.71
CA GLY A 176 -13.91 2.24 -6.35
C GLY A 176 -12.68 2.63 -7.19
N LEU A 177 -11.90 3.58 -6.67
CA LEU A 177 -10.66 3.96 -7.35
C LEU A 177 -9.48 3.02 -7.04
N ALA A 178 -9.51 1.82 -7.60
CA ALA A 178 -8.49 0.79 -7.36
C ALA A 178 -7.08 1.14 -7.81
N ARG A 179 -6.95 2.19 -8.62
CA ARG A 179 -5.67 2.50 -9.24
C ARG A 179 -5.41 3.98 -9.24
N SER A 180 -4.13 4.33 -9.23
CA SER A 180 -3.71 5.68 -8.93
C SER A 180 -4.36 6.77 -9.79
N VAL A 181 -4.56 7.93 -9.18
CA VAL A 181 -5.09 9.07 -9.89
C VAL A 181 -3.98 10.10 -10.02
N TRP A 182 -3.99 10.88 -11.10
CA TRP A 182 -2.88 11.74 -11.44
C TRP A 182 -3.35 13.08 -11.95
N LEU A 183 -2.51 14.09 -11.75
CA LEU A 183 -2.62 15.37 -12.45
C LEU A 183 -1.27 15.66 -13.09
N TYR A 184 -1.25 15.69 -14.42
CA TYR A 184 0.00 15.90 -15.14
C TYR A 184 -0.09 16.92 -16.25
N SER A 185 1.07 17.21 -16.82
CA SER A 185 1.22 18.26 -17.82
C SER A 185 1.95 17.71 -19.02
N VAL A 186 1.71 18.35 -20.15
CA VAL A 186 2.34 17.97 -21.38
C VAL A 186 2.49 19.24 -22.24
N PRO A 187 3.59 19.34 -23.00
CA PRO A 187 3.70 20.54 -23.82
C PRO A 187 2.60 20.59 -24.89
N GLN A 188 2.28 21.80 -25.34
CA GLN A 188 1.24 22.01 -26.33
C GLN A 188 1.39 21.08 -27.53
N GLN A 189 2.59 20.99 -28.08
CA GLN A 189 2.88 19.97 -29.08
C GLN A 189 3.56 18.76 -28.44
N HIS A 190 2.84 17.65 -28.36
CA HIS A 190 3.32 16.51 -27.59
C HIS A 190 3.08 15.15 -28.23
N ILE A 191 3.93 14.21 -27.85
CA ILE A 191 3.72 12.81 -28.18
C ILE A 191 2.53 12.24 -27.41
N GLN A 192 1.58 11.65 -28.13
CA GLN A 192 0.37 11.07 -27.53
C GLN A 192 0.37 9.54 -27.54
N ASP A 193 0.98 8.95 -28.54
CA ASP A 193 1.04 7.50 -28.61
C ASP A 193 2.28 7.00 -29.32
N ILE A 194 2.64 5.76 -29.03
CA ILE A 194 3.82 5.14 -29.63
C ILE A 194 3.50 3.69 -29.85
N THR A 195 3.89 3.19 -31.01
CA THR A 195 3.63 1.79 -31.33
C THR A 195 4.93 1.10 -31.71
N VAL A 196 5.23 0.01 -31.02
CA VAL A 196 6.49 -0.68 -31.23
C VAL A 196 6.26 -2.15 -31.61
N ARG A 197 6.84 -2.57 -32.74
CA ARG A 197 6.73 -3.96 -33.20
C ARG A 197 8.10 -4.54 -33.44
N THR A 198 8.50 -5.46 -32.57
CA THR A 198 9.88 -5.94 -32.54
C THR A 198 9.99 -7.20 -33.33
N ASP A 199 10.98 -7.26 -34.22
CA ASP A 199 11.28 -8.45 -35.02
C ASP A 199 12.79 -8.69 -35.15
N VAL A 200 13.17 -9.81 -35.76
CA VAL A 200 14.57 -10.22 -35.86
C VAL A 200 14.97 -10.69 -37.26
N GLN A 201 15.93 -10.00 -37.87
CA GLN A 201 16.61 -10.48 -39.09
C GLN A 201 17.98 -11.11 -38.76
N GLY A 202 18.08 -12.43 -38.96
CA GLY A 202 19.26 -13.15 -38.52
C GLY A 202 19.55 -12.74 -37.08
N THR A 203 20.63 -11.98 -36.88
CA THR A 203 21.03 -11.60 -35.54
C THR A 203 20.78 -10.13 -35.40
N THR A 204 20.22 -9.54 -36.44
CA THR A 204 19.95 -8.10 -36.45
C THR A 204 18.50 -7.85 -36.03
N GLY A 205 18.32 -6.93 -35.08
CA GLY A 205 17.04 -6.78 -34.43
C GLY A 205 16.39 -5.51 -34.87
N LEU A 206 15.24 -5.63 -35.51
CA LEU A 206 14.59 -4.48 -36.09
C LEU A 206 13.23 -4.20 -35.43
N ILE A 207 13.02 -2.96 -34.99
CA ILE A 207 11.75 -2.58 -34.39
C ILE A 207 11.07 -1.49 -35.19
N ASP A 208 9.87 -1.76 -35.65
CA ASP A 208 9.09 -0.80 -36.42
C ASP A 208 8.37 0.09 -35.42
N TYR A 209 8.49 1.39 -35.53
CA TYR A 209 7.87 2.25 -34.56
C TYR A 209 6.87 3.16 -35.21
N ASN A 210 6.13 3.89 -34.37
CA ASN A 210 5.15 4.84 -34.81
C ASN A 210 4.74 5.80 -33.70
N VAL A 211 5.04 7.08 -33.92
CA VAL A 211 4.87 8.13 -32.92
C VAL A 211 3.77 9.09 -33.36
N VAL A 212 2.89 9.46 -32.44
CA VAL A 212 1.75 10.35 -32.72
C VAL A 212 1.86 11.67 -31.94
N ALA A 213 1.90 12.79 -32.64
CA ALA A 213 2.13 14.07 -31.97
C ALA A 213 0.87 14.90 -32.02
N SER A 214 0.63 15.68 -30.96
CA SER A 214 -0.56 16.50 -30.91
C SER A 214 -0.72 17.38 -32.15
N THR A 215 0.38 17.99 -32.62
CA THR A 215 0.38 18.89 -33.82
C THR A 215 1.40 18.47 -34.89
N THR A 216 1.64 19.32 -35.91
CA THR A 216 2.69 19.02 -36.92
C THR A 216 3.95 19.85 -36.74
N GLN A 217 4.10 20.48 -35.57
CA GLN A 217 5.32 21.23 -35.22
C GLN A 217 6.58 20.39 -35.39
N GLY A 218 7.75 21.03 -35.49
CA GLY A 218 9.04 20.33 -35.66
C GLY A 218 9.05 18.92 -36.26
N THR A 219 9.96 18.08 -35.77
CA THR A 219 10.13 16.70 -36.30
C THR A 219 10.22 15.64 -35.19
N ILE A 220 10.35 14.37 -35.56
CA ILE A 220 10.41 13.32 -34.53
C ILE A 220 11.74 12.55 -34.50
N GLN A 221 12.51 12.75 -33.42
CA GLN A 221 13.73 12.00 -33.21
C GLN A 221 13.46 10.81 -32.34
N VAL A 222 14.28 9.80 -32.49
CA VAL A 222 14.17 8.61 -31.68
C VAL A 222 15.60 8.10 -31.43
N ALA A 223 16.01 8.11 -30.17
CA ALA A 223 17.24 7.42 -29.77
C ALA A 223 16.84 6.09 -29.14
N VAL A 224 17.67 5.08 -29.31
CA VAL A 224 17.37 3.76 -28.78
C VAL A 224 18.58 3.30 -27.99
N ILE A 225 18.41 3.27 -26.68
CA ILE A 225 19.51 3.08 -25.74
C ILE A 225 19.53 1.67 -25.14
N ASP A 226 20.71 1.15 -24.85
CA ASP A 226 20.80 -0.14 -24.19
C ASP A 226 20.75 0.00 -22.68
N GLU A 227 20.91 -1.14 -21.98
CA GLU A 227 20.77 -1.22 -20.53
C GLU A 227 21.91 -0.53 -19.79
N ASP A 228 23.06 -0.49 -20.47
CA ASP A 228 24.28 0.16 -19.97
C ASP A 228 24.20 1.70 -20.01
N GLY A 229 23.47 2.21 -21.00
CA GLY A 229 23.28 3.65 -21.20
C GLY A 229 23.79 4.22 -22.51
N THR A 230 24.20 3.37 -23.45
CA THR A 230 24.77 3.90 -24.69
C THR A 230 23.88 3.69 -25.91
N THR A 231 23.42 4.79 -26.51
CA THR A 231 22.49 4.70 -27.66
C THR A 231 23.08 3.85 -28.81
N VAL A 232 22.25 3.01 -29.43
CA VAL A 232 22.76 1.99 -30.31
C VAL A 232 22.12 2.10 -31.70
N ALA A 233 21.11 2.96 -31.81
CA ALA A 233 20.54 3.35 -33.10
C ALA A 233 19.73 4.63 -32.93
N THR A 234 19.52 5.36 -34.02
CA THR A 234 18.68 6.57 -34.02
C THR A 234 17.79 6.57 -35.24
N SER A 235 16.81 7.48 -35.28
CA SER A 235 15.92 7.57 -36.42
C SER A 235 15.17 8.86 -36.42
N SER A 236 14.71 9.26 -37.60
CA SER A 236 13.82 10.40 -37.73
C SER A 236 12.53 10.03 -38.38
N GLY A 237 11.54 10.89 -38.19
CA GLY A 237 10.21 10.66 -38.72
C GLY A 237 9.28 10.08 -37.68
N SER A 238 8.00 10.38 -37.87
CA SER A 238 6.91 9.76 -37.15
C SER A 238 6.94 8.24 -37.24
N ASN A 239 7.65 7.68 -38.20
CA ASN A 239 7.68 6.23 -38.28
C ASN A 239 8.82 5.71 -39.13
N GLY A 240 9.21 4.48 -38.87
CA GLY A 240 10.16 3.77 -39.73
C GLY A 240 10.43 2.42 -39.11
N THR A 241 11.63 1.91 -39.31
CA THR A 241 12.09 0.82 -38.47
C THR A 241 13.50 1.12 -38.01
N ILE A 242 13.91 0.57 -36.87
CA ILE A 242 15.27 0.75 -36.38
C ILE A 242 16.04 -0.56 -36.38
N HIS A 243 17.26 -0.51 -36.92
CA HIS A 243 18.09 -1.69 -36.99
C HIS A 243 18.98 -1.79 -35.77
N ILE A 244 18.98 -2.96 -35.14
CA ILE A 244 19.89 -3.18 -34.04
C ILE A 244 20.80 -4.34 -34.31
N PRO A 245 22.09 -4.02 -34.53
CA PRO A 245 23.16 -4.98 -34.77
C PRO A 245 23.38 -5.86 -33.53
N SER A 246 23.30 -7.18 -33.73
CA SER A 246 23.58 -8.14 -32.68
C SER A 246 22.75 -7.88 -31.41
N VAL A 247 21.43 -7.92 -31.57
CA VAL A 247 20.46 -7.54 -30.54
C VAL A 247 20.55 -8.38 -29.28
N HIS A 248 20.44 -7.76 -28.12
CA HIS A 248 20.16 -8.52 -26.93
C HIS A 248 18.65 -8.74 -26.85
N LEU A 249 18.21 -9.97 -27.06
CA LEU A 249 16.78 -10.31 -27.12
C LEU A 249 16.19 -10.41 -25.73
N TRP A 250 15.02 -9.82 -25.54
CA TRP A 250 14.18 -10.11 -24.36
C TRP A 250 13.84 -11.60 -24.31
N GLN A 251 14.32 -12.30 -23.27
CA GLN A 251 14.05 -13.72 -23.14
C GLN A 251 13.24 -14.06 -21.89
N PRO A 252 12.33 -15.06 -21.99
CA PRO A 252 11.41 -15.45 -20.96
C PRO A 252 12.00 -15.82 -19.62
N GLY A 253 13.32 -15.88 -19.48
CA GLY A 253 13.92 -16.01 -18.15
C GLY A 253 15.06 -15.05 -17.91
N ALA A 254 15.11 -14.00 -18.75
CA ALA A 254 16.32 -13.26 -19.00
C ALA A 254 15.94 -11.96 -19.68
N ALA A 255 15.27 -11.09 -18.95
CA ALA A 255 14.75 -9.89 -19.55
C ALA A 255 15.87 -8.95 -20.02
N TYR A 256 15.92 -8.64 -21.31
CA TYR A 256 16.67 -7.46 -21.78
C TYR A 256 15.72 -6.38 -22.27
N LEU A 257 15.88 -5.16 -21.77
CA LEU A 257 15.07 -4.02 -22.25
C LEU A 257 15.90 -2.85 -22.71
N TYR A 258 15.75 -2.49 -23.98
CA TYR A 258 16.27 -1.22 -24.49
C TYR A 258 15.28 -0.08 -24.19
N GLN A 259 15.82 1.13 -24.14
CA GLN A 259 15.03 2.31 -23.85
C GLN A 259 14.92 3.23 -25.08
N LEU A 260 13.71 3.25 -25.65
CA LEU A 260 13.36 4.01 -26.84
C LEU A 260 13.01 5.44 -26.43
N HIS A 261 13.87 6.39 -26.77
CA HIS A 261 13.65 7.78 -26.40
C HIS A 261 13.06 8.57 -27.55
N ALA A 262 11.73 8.72 -27.57
CA ALA A 262 11.04 9.48 -28.60
C ALA A 262 11.02 10.94 -28.19
N SER A 263 11.45 11.80 -29.13
CA SER A 263 11.57 13.23 -28.87
C SER A 263 10.96 14.03 -30.03
N ILE A 264 10.44 15.21 -29.71
CA ILE A 264 9.83 16.07 -30.72
C ILE A 264 10.61 17.37 -30.87
N ILE A 265 11.65 17.33 -31.70
CA ILE A 265 12.48 18.51 -31.94
C ILE A 265 11.71 19.58 -32.71
N ASP A 266 11.94 20.84 -32.35
CA ASP A 266 11.26 21.95 -33.00
C ASP A 266 12.04 22.43 -34.23
N SER A 267 11.52 23.47 -34.88
CA SER A 267 12.16 24.01 -36.07
C SER A 267 13.69 23.91 -35.97
N SER A 268 14.24 24.34 -34.83
CA SER A 268 15.67 24.29 -34.62
C SER A 268 16.07 23.06 -33.82
N LYS A 269 17.37 22.81 -33.73
CA LYS A 269 17.89 21.66 -33.00
C LYS A 269 17.61 21.79 -31.51
N LYS A 270 16.33 21.75 -31.16
CA LYS A 270 15.92 21.86 -29.75
C LYS A 270 14.77 20.90 -29.44
N THR A 271 14.83 20.28 -28.26
CA THR A 271 13.80 19.35 -27.84
C THR A 271 12.66 20.07 -27.13
N ILE A 272 11.43 19.85 -27.60
CA ILE A 272 10.25 20.47 -27.00
C ILE A 272 9.33 19.47 -26.31
N ASP A 273 9.39 18.21 -26.74
CA ASP A 273 8.76 17.13 -25.98
C ASP A 273 9.61 15.87 -26.02
N THR A 274 9.49 15.03 -24.99
CA THR A 274 10.25 13.78 -24.94
C THR A 274 9.57 12.73 -24.06
N TYR A 275 9.85 11.45 -24.33
CA TYR A 275 9.17 10.36 -23.67
C TYR A 275 9.99 9.09 -23.67
N LYS A 276 10.17 8.53 -22.49
CA LYS A 276 10.96 7.31 -22.32
C LYS A 276 10.02 6.10 -22.25
N LEU A 277 10.22 5.11 -23.12
CA LEU A 277 9.31 3.99 -23.23
C LEU A 277 10.15 2.77 -23.48
N ALA A 278 10.16 1.81 -22.53
CA ALA A 278 11.03 0.62 -22.65
C ALA A 278 10.38 -0.41 -23.54
N THR A 279 11.17 -0.98 -24.47
CA THR A 279 10.81 -2.23 -25.16
C THR A 279 11.90 -3.24 -25.04
N GLY A 280 11.51 -4.50 -25.17
CA GLY A 280 12.44 -5.59 -25.34
C GLY A 280 12.08 -6.19 -26.67
N ILE A 281 13.01 -6.92 -27.24
CA ILE A 281 12.81 -7.40 -28.60
C ILE A 281 12.62 -8.90 -28.67
N ARG A 282 11.43 -9.33 -29.09
CA ARG A 282 11.06 -10.75 -29.09
C ARG A 282 9.97 -10.99 -30.11
N THR A 283 9.99 -12.15 -30.76
CA THR A 283 8.92 -12.57 -31.66
C THR A 283 8.01 -13.54 -30.94
N VAL A 284 6.76 -13.66 -31.39
CA VAL A 284 5.91 -14.75 -30.89
C VAL A 284 5.15 -15.41 -32.03
N LYS A 285 5.48 -16.67 -32.28
CA LYS A 285 4.81 -17.44 -33.32
C LYS A 285 4.20 -18.69 -32.73
N VAL A 286 3.01 -19.05 -33.23
CA VAL A 286 2.47 -20.39 -33.08
C VAL A 286 2.71 -21.13 -34.39
N GLN A 287 3.53 -22.17 -34.36
CA GLN A 287 3.55 -23.15 -35.45
C GLN A 287 2.90 -24.47 -35.05
N GLY A 288 1.65 -24.65 -35.47
CA GLY A 288 0.95 -25.91 -35.25
C GLY A 288 0.66 -26.13 -33.79
N THR A 289 1.40 -27.04 -33.17
CA THR A 289 1.14 -27.49 -31.80
C THR A 289 2.20 -26.90 -30.84
N GLN A 290 2.74 -25.74 -31.20
CA GLN A 290 3.99 -25.29 -30.62
C GLN A 290 4.01 -23.81 -30.44
N PHE A 291 4.51 -23.38 -29.30
CA PHE A 291 4.49 -21.96 -28.98
C PHE A 291 5.90 -21.44 -28.96
N LEU A 292 6.21 -20.52 -29.87
CA LEU A 292 7.56 -20.06 -30.04
C LEU A 292 7.73 -18.62 -29.59
N ILE A 293 8.58 -18.43 -28.60
CA ILE A 293 9.10 -17.12 -28.32
C ILE A 293 10.54 -17.15 -28.81
N ASN A 294 10.89 -16.21 -29.68
CA ASN A 294 12.17 -16.19 -30.39
C ASN A 294 12.52 -17.55 -31.02
N ASP A 295 11.54 -18.08 -31.75
CA ASP A 295 11.70 -19.23 -32.64
C ASP A 295 12.11 -20.52 -31.93
N LYS A 296 12.30 -20.44 -30.60
CA LYS A 296 12.45 -21.63 -29.76
C LYS A 296 11.13 -21.91 -29.04
N PRO A 297 10.73 -23.20 -29.00
CA PRO A 297 9.47 -23.58 -28.38
C PRO A 297 9.42 -23.27 -26.87
N PHE A 298 8.23 -22.96 -26.36
CA PHE A 298 8.05 -22.48 -24.99
C PHE A 298 6.90 -23.18 -24.29
N TYR A 299 7.06 -23.41 -22.98
CA TYR A 299 6.06 -24.08 -22.14
C TYR A 299 5.73 -23.18 -20.97
N PHE A 300 4.47 -22.75 -20.87
CA PHE A 300 4.08 -21.90 -19.75
C PHE A 300 4.19 -22.67 -18.41
N THR A 301 4.59 -21.97 -17.36
CA THR A 301 4.46 -22.48 -16.02
C THR A 301 4.04 -21.29 -15.19
N GLY A 302 3.09 -21.48 -14.31
CA GLY A 302 2.67 -20.41 -13.42
C GLY A 302 1.23 -20.55 -12.97
N PHE A 303 0.53 -19.41 -12.91
CA PHE A 303 -0.83 -19.33 -12.37
C PHE A 303 -1.60 -18.29 -13.14
N GLY A 304 -2.92 -18.47 -13.22
CA GLY A 304 -3.84 -17.32 -13.29
C GLY A 304 -3.75 -16.68 -11.91
N LYS A 305 -3.91 -15.37 -11.82
CA LYS A 305 -3.75 -14.62 -10.56
C LYS A 305 -4.98 -13.75 -10.31
N HIS A 306 -4.96 -12.96 -9.24
CA HIS A 306 -5.96 -11.91 -9.07
C HIS A 306 -5.35 -10.64 -8.51
N GLU A 307 -5.99 -9.51 -8.72
CA GLU A 307 -5.61 -8.33 -7.95
C GLU A 307 -6.50 -8.31 -6.71
N ASP A 308 -5.94 -8.82 -5.61
CA ASP A 308 -6.70 -9.07 -4.41
C ASP A 308 -5.74 -9.26 -3.26
N THR A 309 -5.78 -8.33 -2.31
CA THR A 309 -5.02 -8.43 -1.05
C THR A 309 -5.92 -8.06 0.11
N ASN A 310 -5.40 -7.93 1.33
CA ASN A 310 -6.30 -7.94 2.48
C ASN A 310 -7.36 -6.84 2.64
N ILE A 311 -6.94 -5.60 2.81
CA ILE A 311 -7.98 -4.64 3.12
C ILE A 311 -8.36 -3.80 1.90
N ARG A 312 -7.36 -3.50 1.08
CA ARG A 312 -7.53 -2.70 -0.11
C ARG A 312 -8.28 -3.48 -1.21
N GLY A 313 -8.52 -4.75 -0.99
CA GLY A 313 -9.06 -5.60 -2.04
C GLY A 313 -8.27 -5.48 -3.32
N LYS A 314 -8.93 -4.96 -4.36
CA LYS A 314 -8.39 -4.93 -5.72
C LYS A 314 -7.33 -3.84 -5.97
N GLY A 315 -7.11 -2.97 -5.00
CA GLY A 315 -6.25 -1.80 -5.20
C GLY A 315 -4.81 -2.19 -5.35
N HIS A 316 -4.15 -1.69 -6.39
CA HIS A 316 -2.78 -2.13 -6.71
C HIS A 316 -1.86 -1.82 -5.56
N ASP A 317 -0.94 -2.73 -5.28
CA ASP A 317 -0.02 -2.58 -4.15
C ASP A 317 1.40 -2.89 -4.60
N ASP A 318 2.29 -1.92 -4.41
CA ASP A 318 3.68 -2.00 -4.81
C ASP A 318 4.40 -3.21 -4.26
N ALA A 319 4.22 -3.43 -2.95
CA ALA A 319 5.02 -4.39 -2.20
C ALA A 319 4.49 -5.81 -2.34
N TYR A 320 3.17 -5.94 -2.52
CA TYR A 320 2.64 -7.26 -2.81
C TYR A 320 3.02 -7.67 -4.21
N MET A 321 3.10 -6.71 -5.13
CA MET A 321 3.52 -7.00 -6.47
C MET A 321 4.93 -7.56 -6.45
N VAL A 322 5.83 -6.86 -5.79
CA VAL A 322 7.22 -7.31 -5.78
C VAL A 322 7.33 -8.66 -5.07
N HIS A 323 6.68 -8.77 -3.90
CA HIS A 323 6.67 -10.04 -3.19
C HIS A 323 6.12 -11.17 -4.05
N ASP A 324 4.94 -10.94 -4.65
CA ASP A 324 4.30 -11.93 -5.55
C ASP A 324 5.26 -12.43 -6.64
N PHE A 325 5.96 -11.48 -7.26
CA PHE A 325 6.93 -11.82 -8.29
C PHE A 325 8.06 -12.64 -7.73
N GLN A 326 8.53 -12.32 -6.53
CA GLN A 326 9.62 -13.09 -5.93
C GLN A 326 9.19 -14.51 -5.65
N LEU A 327 7.95 -14.68 -5.20
CA LEU A 327 7.42 -16.01 -5.05
C LEU A 327 7.42 -16.77 -6.36
N LEU A 328 7.07 -16.11 -7.47
CA LEU A 328 7.14 -16.77 -8.77
C LEU A 328 8.56 -17.25 -9.06
N HIS A 329 9.55 -16.36 -8.90
CA HIS A 329 10.93 -16.76 -9.12
C HIS A 329 11.31 -17.80 -8.13
N TRP A 330 10.81 -17.71 -6.91
CA TRP A 330 11.18 -18.66 -5.88
C TRP A 330 10.86 -20.09 -6.34
N MET A 331 9.79 -20.23 -7.12
CA MET A 331 9.29 -21.54 -7.46
C MET A 331 9.47 -21.85 -8.93
N GLY A 332 10.11 -20.94 -9.66
CA GLY A 332 10.46 -21.16 -11.04
C GLY A 332 9.30 -21.08 -11.99
N ALA A 333 8.23 -20.40 -11.58
CA ALA A 333 7.15 -19.98 -12.50
C ALA A 333 7.69 -19.02 -13.55
N ASN A 334 7.30 -19.19 -14.81
CA ASN A 334 7.68 -18.24 -15.86
C ASN A 334 6.59 -17.32 -16.38
N SER A 335 5.35 -17.67 -16.11
CA SER A 335 4.24 -16.89 -16.60
C SER A 335 3.10 -16.82 -15.61
N PHE A 336 2.15 -15.96 -15.92
CA PHE A 336 0.87 -15.97 -15.27
C PHE A 336 -0.15 -15.35 -16.21
N ARG A 337 -1.42 -15.38 -15.83
CA ARG A 337 -2.48 -14.83 -16.65
C ARG A 337 -3.25 -13.79 -15.85
N THR A 338 -3.44 -12.61 -16.41
CA THR A 338 -4.18 -11.57 -15.73
C THR A 338 -5.65 -11.98 -15.57
N SER A 339 -5.97 -12.60 -14.45
CA SER A 339 -7.22 -13.27 -14.33
C SER A 339 -8.46 -12.40 -14.26
N HIS A 340 -9.13 -12.41 -15.42
CA HIS A 340 -10.50 -11.98 -15.63
C HIS A 340 -10.60 -10.46 -15.61
N TYR A 341 -9.46 -9.82 -15.83
CA TYR A 341 -9.41 -8.37 -16.00
C TYR A 341 -7.95 -7.97 -16.23
N PRO A 342 -7.74 -6.81 -16.89
CA PRO A 342 -6.38 -6.29 -17.01
C PRO A 342 -5.93 -5.72 -15.68
N TYR A 343 -4.71 -6.07 -15.28
CA TYR A 343 -4.16 -5.64 -14.02
C TYR A 343 -3.60 -4.24 -14.20
N ALA A 344 -3.17 -3.63 -13.10
CA ALA A 344 -2.49 -2.34 -13.11
C ALA A 344 -1.40 -2.30 -14.17
N GLU A 345 -1.21 -1.15 -14.81
CA GLU A 345 -0.22 -1.06 -15.87
C GLU A 345 1.18 -1.35 -15.32
N GLU A 346 1.48 -0.82 -14.13
CA GLU A 346 2.81 -0.97 -13.51
C GLU A 346 3.25 -2.43 -13.30
N VAL A 347 2.28 -3.34 -13.22
CA VAL A 347 2.53 -4.77 -13.11
C VAL A 347 3.06 -5.28 -14.42
N MET A 348 2.58 -4.73 -15.52
CA MET A 348 3.05 -5.14 -16.85
C MET A 348 4.49 -4.71 -17.12
N GLU A 349 4.79 -3.45 -16.83
CA GLU A 349 6.18 -3.00 -16.89
C GLU A 349 7.07 -3.82 -15.94
N TYR A 350 6.55 -4.16 -14.77
CA TYR A 350 7.39 -4.91 -13.87
C TYR A 350 7.65 -6.27 -14.50
N ALA A 351 6.59 -6.89 -15.02
CA ALA A 351 6.69 -8.19 -15.66
C ALA A 351 7.76 -8.16 -16.73
N ASP A 352 7.94 -7.00 -17.37
CA ASP A 352 8.89 -6.85 -18.48
C ASP A 352 10.30 -6.90 -17.95
N ARG A 353 10.56 -6.08 -16.94
CA ARG A 353 11.84 -6.06 -16.27
C ARG A 353 12.10 -7.42 -15.66
N GLN A 354 11.05 -8.05 -15.14
CA GLN A 354 11.17 -9.34 -14.45
C GLN A 354 11.33 -10.54 -15.36
N GLY A 355 11.05 -10.38 -16.65
CA GLY A 355 11.14 -11.50 -17.58
C GLY A 355 10.07 -12.55 -17.36
N ILE A 356 8.91 -12.14 -16.88
CA ILE A 356 7.76 -13.02 -16.81
C ILE A 356 6.82 -12.85 -18.01
N VAL A 357 6.39 -13.99 -18.55
CA VAL A 357 5.45 -14.05 -19.66
C VAL A 357 4.01 -13.80 -19.16
N VAL A 358 3.25 -13.01 -19.90
CA VAL A 358 1.90 -12.69 -19.49
C VAL A 358 0.85 -13.06 -20.54
N ILE A 359 -0.24 -13.66 -20.07
CA ILE A 359 -1.44 -13.82 -20.87
C ILE A 359 -2.38 -12.71 -20.40
N ASP A 360 -2.67 -11.77 -21.29
CA ASP A 360 -3.35 -10.54 -20.90
C ASP A 360 -4.83 -10.76 -21.18
N GLU A 361 -5.67 -10.64 -20.16
CA GLU A 361 -7.09 -10.98 -20.32
C GLU A 361 -8.05 -9.81 -20.11
N THR A 362 -9.05 -9.71 -20.98
CA THR A 362 -10.10 -8.67 -20.91
C THR A 362 -11.01 -8.97 -19.74
N PRO A 363 -11.88 -8.02 -19.38
CA PRO A 363 -12.65 -8.29 -18.17
C PRO A 363 -13.92 -9.05 -18.43
N ALA A 364 -13.99 -9.71 -19.58
CA ALA A 364 -15.10 -10.59 -19.97
C ALA A 364 -15.15 -11.98 -19.28
N VAL A 365 -15.56 -11.99 -18.01
CA VAL A 365 -15.65 -13.22 -17.24
C VAL A 365 -17.09 -13.50 -16.81
N GLY A 366 -17.54 -14.73 -17.03
CA GLY A 366 -18.89 -15.11 -16.66
C GLY A 366 -19.88 -14.90 -17.78
N LEU A 367 -19.40 -14.95 -19.02
CA LEU A 367 -20.25 -14.76 -20.18
C LEU A 367 -21.28 -15.88 -20.31
N ALA A 368 -21.44 -16.65 -19.25
CA ALA A 368 -22.39 -17.76 -19.24
C ALA A 368 -23.35 -17.66 -18.05
N PHE A 369 -24.36 -18.51 -18.04
CA PHE A 369 -25.35 -18.53 -16.97
C PHE A 369 -25.32 -19.84 -16.21
N SER A 370 -24.61 -20.83 -16.76
CA SER A 370 -24.50 -22.14 -16.12
C SER A 370 -23.23 -22.38 -15.27
N ILE A 371 -23.14 -21.64 -14.15
CA ILE A 371 -22.10 -21.83 -13.13
C ILE A 371 -22.56 -22.79 -12.00
N PRO A 381 -31.15 -21.19 -18.55
CA PRO A 381 -31.27 -19.89 -19.27
C PRO A 381 -30.18 -19.70 -20.32
N ALA A 382 -30.55 -19.40 -21.56
CA ALA A 382 -29.58 -19.36 -22.68
C ALA A 382 -28.89 -18.00 -22.72
N THR A 383 -27.57 -18.00 -22.85
CA THR A 383 -26.85 -16.81 -22.44
C THR A 383 -26.67 -15.83 -23.58
N PHE A 384 -26.77 -16.33 -24.81
CA PHE A 384 -26.61 -15.49 -25.99
C PHE A 384 -27.96 -15.19 -26.64
N SER A 385 -28.54 -14.06 -26.26
CA SER A 385 -29.84 -13.66 -26.81
C SER A 385 -30.07 -12.16 -26.63
N PRO A 386 -31.30 -11.72 -26.88
CA PRO A 386 -31.66 -10.31 -26.75
C PRO A 386 -31.90 -9.92 -25.30
N ASP A 387 -31.73 -10.87 -24.39
CA ASP A 387 -31.94 -10.61 -22.97
C ASP A 387 -30.61 -10.49 -22.22
N ARG A 388 -29.86 -11.58 -22.19
CA ARG A 388 -28.56 -11.60 -21.51
C ARG A 388 -27.27 -11.03 -22.06
N ILE A 389 -26.77 -11.66 -23.14
CA ILE A 389 -25.54 -11.22 -23.77
C ILE A 389 -26.01 -11.04 -25.21
N ASN A 390 -26.15 -9.78 -25.62
CA ASN A 390 -26.59 -9.47 -26.98
C ASN A 390 -25.51 -8.76 -27.79
N ASN A 391 -25.94 -7.85 -28.66
CA ASN A 391 -25.02 -7.10 -29.50
C ASN A 391 -24.50 -5.85 -28.82
N LYS A 392 -25.31 -5.26 -27.96
CA LYS A 392 -24.82 -4.15 -27.17
C LYS A 392 -23.77 -4.64 -26.20
N THR A 393 -23.83 -5.92 -25.84
CA THR A 393 -22.85 -6.49 -24.91
C THR A 393 -21.58 -6.75 -25.66
N ARG A 394 -21.70 -7.39 -26.83
CA ARG A 394 -20.55 -7.56 -27.70
C ARG A 394 -19.84 -6.24 -28.00
N GLU A 395 -20.63 -5.19 -28.21
CA GLU A 395 -20.05 -3.90 -28.41
C GLU A 395 -19.12 -3.46 -27.27
N ALA A 396 -19.52 -3.78 -26.03
CA ALA A 396 -18.75 -3.35 -24.89
C ALA A 396 -17.55 -4.24 -24.75
N HIS A 397 -17.73 -5.48 -25.22
CA HIS A 397 -16.71 -6.49 -25.11
C HIS A 397 -15.57 -6.04 -26.02
N ALA A 398 -15.94 -5.53 -27.19
CA ALA A 398 -14.95 -5.11 -28.16
C ALA A 398 -14.35 -3.79 -27.73
N GLN A 399 -15.18 -2.93 -27.13
CA GLN A 399 -14.75 -1.65 -26.60
C GLN A 399 -13.61 -1.90 -25.62
N ALA A 400 -13.73 -2.98 -24.85
CA ALA A 400 -12.73 -3.36 -23.84
C ALA A 400 -11.49 -4.00 -24.47
N ILE A 401 -11.68 -4.79 -25.53
CA ILE A 401 -10.55 -5.33 -26.27
C ILE A 401 -9.65 -4.20 -26.79
N ARG A 402 -10.25 -3.10 -27.22
CA ARG A 402 -9.51 -2.00 -27.82
C ARG A 402 -8.64 -1.33 -26.76
N GLU A 403 -9.27 -0.95 -25.67
CA GLU A 403 -8.58 -0.21 -24.65
C GLU A 403 -7.45 -1.05 -24.07
N LEU A 404 -7.67 -2.36 -23.93
CA LEU A 404 -6.61 -3.22 -23.41
C LEU A 404 -5.42 -3.19 -24.35
N ILE A 405 -5.65 -3.59 -25.59
CA ILE A 405 -4.60 -3.56 -26.58
C ILE A 405 -3.92 -2.19 -26.70
N HIS A 406 -4.71 -1.11 -26.72
CA HIS A 406 -4.11 0.21 -26.90
C HIS A 406 -3.11 0.45 -25.80
N ARG A 407 -3.49 0.02 -24.61
CA ARG A 407 -2.72 0.21 -23.43
C ARG A 407 -1.53 -0.76 -23.41
N ASP A 408 -1.74 -2.00 -23.79
CA ASP A 408 -0.74 -3.01 -23.46
C ASP A 408 0.12 -3.45 -24.64
N LYS A 409 -0.28 -3.07 -25.85
CA LYS A 409 0.44 -3.47 -27.08
C LYS A 409 1.98 -3.51 -26.99
N ASN A 410 2.57 -2.67 -26.14
CA ASN A 410 4.01 -2.49 -26.15
C ASN A 410 4.85 -3.46 -25.28
N HIS A 411 4.23 -4.11 -24.30
CA HIS A 411 4.98 -4.90 -23.29
C HIS A 411 5.52 -6.23 -23.86
N PRO A 412 6.84 -6.40 -23.85
CA PRO A 412 7.41 -7.63 -24.38
C PRO A 412 6.98 -8.84 -23.54
N SER A 413 6.63 -8.59 -22.28
CA SER A 413 6.13 -9.66 -21.42
C SER A 413 4.78 -10.17 -21.89
N VAL A 414 3.89 -9.27 -22.29
CA VAL A 414 2.60 -9.70 -22.83
C VAL A 414 2.81 -10.42 -24.15
N VAL A 415 2.20 -11.59 -24.26
CA VAL A 415 2.63 -12.58 -25.23
C VAL A 415 1.46 -13.24 -25.97
N MET A 416 0.23 -12.98 -25.53
CA MET A 416 -1.00 -13.53 -26.09
C MET A 416 -2.21 -12.88 -25.43
N TRP A 417 -3.24 -12.59 -26.22
CA TRP A 417 -4.45 -11.98 -25.67
C TRP A 417 -5.45 -13.05 -25.36
N SER A 418 -6.12 -12.87 -24.24
CA SER A 418 -7.18 -13.74 -23.81
C SER A 418 -8.48 -12.94 -23.88
N ILE A 419 -9.37 -13.34 -24.78
CA ILE A 419 -10.57 -12.57 -25.09
C ILE A 419 -11.59 -12.61 -23.97
N ALA A 420 -11.72 -13.78 -23.32
CA ALA A 420 -12.77 -14.02 -22.31
C ALA A 420 -12.49 -15.20 -21.37
N ASN A 421 -13.03 -15.14 -20.16
CA ASN A 421 -13.02 -16.35 -19.34
C ASN A 421 -14.32 -17.09 -19.27
N GLU A 422 -14.24 -18.40 -19.59
CA GLU A 422 -15.33 -19.35 -19.38
C GLU A 422 -16.65 -18.85 -19.96
N PRO A 423 -16.62 -18.40 -21.22
CA PRO A 423 -17.86 -18.06 -21.87
C PRO A 423 -18.63 -19.31 -22.29
N ALA A 424 -19.94 -19.16 -22.49
CA ALA A 424 -20.80 -20.30 -22.80
C ALA A 424 -20.64 -20.71 -24.27
N SER A 425 -19.47 -21.26 -24.59
CA SER A 425 -19.05 -21.38 -25.97
C SER A 425 -19.55 -22.66 -26.62
N ASN A 426 -20.42 -23.37 -25.92
CA ASN A 426 -20.97 -24.62 -26.45
C ASN A 426 -22.41 -24.39 -26.95
N GLU A 427 -22.95 -23.20 -26.63
CA GLU A 427 -24.35 -22.85 -26.89
C GLU A 427 -24.56 -22.25 -28.26
N ASP A 428 -25.74 -22.49 -28.83
CA ASP A 428 -26.16 -21.75 -30.02
C ASP A 428 -26.00 -20.29 -29.66
N GLY A 429 -25.65 -19.49 -30.65
CA GLY A 429 -25.43 -18.07 -30.44
C GLY A 429 -23.98 -17.71 -30.16
N ALA A 430 -23.20 -18.66 -29.65
CA ALA A 430 -21.87 -18.31 -29.13
C ALA A 430 -20.93 -17.88 -30.24
N ARG A 431 -21.02 -18.54 -31.39
CA ARG A 431 -20.13 -18.29 -32.53
C ARG A 431 -20.37 -16.92 -33.15
N GLU A 432 -21.63 -16.60 -33.46
CA GLU A 432 -21.98 -15.27 -33.98
C GLU A 432 -21.43 -14.24 -33.05
N TYR A 433 -21.66 -14.46 -31.76
CA TYR A 433 -21.24 -13.51 -30.78
C TYR A 433 -19.73 -13.26 -30.88
N PHE A 434 -18.97 -14.34 -30.76
CA PHE A 434 -17.53 -14.26 -30.63
C PHE A 434 -16.73 -13.96 -31.90
N ALA A 435 -17.34 -14.18 -33.06
CA ALA A 435 -16.64 -14.15 -34.36
C ALA A 435 -15.75 -12.93 -34.62
N PRO A 436 -16.29 -11.71 -34.45
CA PRO A 436 -15.51 -10.50 -34.70
C PRO A 436 -14.39 -10.20 -33.68
N LEU A 437 -14.46 -10.84 -32.52
CA LEU A 437 -13.57 -10.53 -31.41
C LEU A 437 -12.13 -11.02 -31.58
N PRO A 438 -11.94 -12.31 -31.90
CA PRO A 438 -10.52 -12.57 -32.08
C PRO A 438 -9.99 -11.83 -33.32
N LYS A 439 -10.83 -11.68 -34.35
CA LYS A 439 -10.49 -10.95 -35.59
C LYS A 439 -10.09 -9.51 -35.33
N LEU A 440 -10.83 -8.84 -34.45
CA LEU A 440 -10.45 -7.52 -33.99
C LEU A 440 -9.07 -7.55 -33.38
N ALA A 441 -8.78 -8.57 -32.58
CA ALA A 441 -7.53 -8.58 -31.84
C ALA A 441 -6.33 -8.74 -32.79
N ARG A 442 -6.42 -9.71 -33.69
CA ARG A 442 -5.34 -9.92 -34.65
C ARG A 442 -5.15 -8.69 -35.52
N GLN A 443 -6.25 -7.99 -35.83
CA GLN A 443 -6.13 -6.79 -36.63
C GLN A 443 -5.40 -5.68 -35.87
N LEU A 444 -5.94 -5.26 -34.73
CA LEU A 444 -5.32 -4.18 -33.95
C LEU A 444 -3.86 -4.49 -33.62
N ASP A 445 -3.55 -5.77 -33.40
CA ASP A 445 -2.21 -6.16 -33.06
C ASP A 445 -1.84 -7.48 -33.68
N PRO A 446 -1.19 -7.41 -34.85
CA PRO A 446 -0.85 -8.63 -35.56
C PRO A 446 0.35 -9.40 -35.01
N THR A 447 1.01 -8.88 -33.97
CA THR A 447 2.24 -9.52 -33.47
C THR A 447 2.03 -10.72 -32.53
N ARG A 448 0.92 -10.71 -31.78
CA ARG A 448 0.58 -11.78 -30.81
C ARG A 448 -0.57 -12.73 -31.22
N PRO A 449 -0.56 -13.96 -30.69
CA PRO A 449 -1.64 -14.90 -30.94
C PRO A 449 -2.88 -14.59 -30.13
N VAL A 450 -3.98 -15.29 -30.40
CA VAL A 450 -5.24 -15.02 -29.70
C VAL A 450 -5.94 -16.26 -29.15
N THR A 451 -6.54 -16.09 -27.98
CA THR A 451 -7.17 -17.20 -27.27
C THR A 451 -8.33 -16.77 -26.38
N PHE A 452 -8.96 -17.75 -25.74
CA PHE A 452 -9.82 -17.49 -24.61
C PHE A 452 -9.72 -18.74 -23.77
N ALA A 453 -10.04 -18.62 -22.49
CA ALA A 453 -9.97 -19.79 -21.60
C ALA A 453 -11.29 -20.49 -21.59
N ASN A 454 -11.26 -21.74 -22.04
CA ASN A 454 -12.43 -22.58 -22.29
C ASN A 454 -12.93 -23.32 -21.03
N VAL A 455 -14.25 -23.36 -20.87
CA VAL A 455 -14.88 -23.99 -19.71
C VAL A 455 -15.04 -25.50 -19.90
N GLY A 456 -15.21 -26.21 -18.80
CA GLY A 456 -15.30 -27.66 -18.82
C GLY A 456 -16.46 -28.20 -19.64
N LEU A 457 -17.60 -27.51 -19.55
CA LEU A 457 -18.83 -27.88 -20.28
C LEU A 457 -18.61 -27.91 -21.76
N ALA A 458 -17.91 -26.89 -22.25
CA ALA A 458 -17.59 -26.76 -23.66
C ALA A 458 -16.49 -27.75 -23.99
N THR A 459 -16.84 -29.03 -24.09
CA THR A 459 -15.87 -30.09 -24.37
C THR A 459 -15.35 -29.95 -25.80
N TYR A 460 -14.34 -30.72 -26.17
CA TYR A 460 -13.84 -30.69 -27.53
C TYR A 460 -14.99 -30.92 -28.53
N LYS A 461 -15.92 -31.80 -28.19
CA LYS A 461 -17.07 -32.05 -29.04
C LYS A 461 -18.01 -30.85 -29.03
N ALA A 462 -18.31 -30.36 -27.83
CA ALA A 462 -19.45 -29.48 -27.61
C ALA A 462 -19.18 -28.02 -27.94
N ASP A 463 -17.90 -27.65 -27.96
CA ASP A 463 -17.51 -26.26 -28.15
C ASP A 463 -17.58 -25.85 -29.61
N ARG A 464 -18.25 -24.74 -29.89
CA ARG A 464 -18.31 -24.29 -31.27
C ARG A 464 -17.56 -22.99 -31.60
N ILE A 465 -16.61 -22.62 -30.74
CA ILE A 465 -15.81 -21.41 -30.87
C ILE A 465 -14.33 -21.64 -31.21
N ALA A 466 -13.76 -22.71 -30.66
CA ALA A 466 -12.30 -22.85 -30.58
C ALA A 466 -11.53 -22.65 -31.89
N ASP A 467 -12.14 -23.00 -33.01
CA ASP A 467 -11.41 -22.98 -34.26
C ASP A 467 -11.00 -21.56 -34.64
N LEU A 468 -11.71 -20.56 -34.11
CA LEU A 468 -11.43 -19.16 -34.44
C LEU A 468 -10.22 -18.60 -33.70
N PHE A 469 -9.63 -19.42 -32.85
CA PHE A 469 -8.55 -18.98 -31.98
C PHE A 469 -7.22 -19.68 -32.27
N ASP A 470 -6.12 -19.08 -31.84
CA ASP A 470 -4.79 -19.56 -32.21
C ASP A 470 -4.28 -20.62 -31.25
N VAL A 471 -4.49 -20.38 -29.96
CA VAL A 471 -4.07 -21.27 -28.88
C VAL A 471 -5.32 -21.77 -28.15
N LEU A 472 -5.29 -23.02 -27.69
CA LEU A 472 -6.39 -23.56 -26.89
C LEU A 472 -6.02 -23.48 -25.42
N CYS A 473 -6.84 -22.76 -24.68
CA CYS A 473 -6.67 -22.65 -23.23
C CYS A 473 -7.83 -23.32 -22.49
N LEU A 474 -7.50 -24.36 -21.72
CA LEU A 474 -8.51 -25.16 -21.05
C LEU A 474 -8.50 -24.95 -19.54
N ASN A 475 -9.68 -24.70 -18.98
CA ASN A 475 -9.90 -24.81 -17.53
C ASN A 475 -10.63 -26.09 -17.19
N ARG A 476 -9.97 -26.95 -16.41
CA ARG A 476 -10.54 -28.22 -16.01
C ARG A 476 -10.44 -28.49 -14.51
N TYR A 477 -11.44 -29.20 -13.98
CA TYR A 477 -11.48 -29.52 -12.55
C TYR A 477 -12.13 -30.87 -12.27
N PHE A 478 -11.72 -31.89 -13.00
CA PHE A 478 -12.27 -33.23 -12.82
C PHE A 478 -12.10 -33.71 -11.39
N GLY A 479 -10.85 -33.82 -10.95
CA GLY A 479 -10.56 -34.27 -9.60
C GLY A 479 -11.27 -33.45 -8.55
N TRP A 480 -12.12 -32.53 -8.99
CA TRP A 480 -12.88 -31.69 -8.08
C TRP A 480 -14.38 -31.80 -8.33
N TYR A 481 -14.82 -31.35 -9.50
CA TYR A 481 -16.23 -31.40 -9.87
C TYR A 481 -16.74 -32.77 -10.30
N THR A 482 -16.29 -33.24 -11.46
CA THR A 482 -16.69 -34.53 -11.99
C THR A 482 -16.39 -35.79 -11.18
N GLN A 483 -15.11 -36.07 -10.99
CA GLN A 483 -14.68 -37.25 -10.23
C GLN A 483 -14.25 -36.66 -8.89
N THR A 484 -15.22 -36.43 -8.01
CA THR A 484 -14.95 -35.87 -6.70
C THR A 484 -14.10 -36.82 -5.86
N ALA A 485 -12.81 -36.49 -5.72
CA ALA A 485 -11.89 -37.31 -4.94
C ALA A 485 -11.57 -38.65 -5.60
N GLU A 486 -12.02 -38.86 -6.82
CA GLU A 486 -11.67 -40.09 -7.49
C GLU A 486 -10.56 -39.86 -8.49
N LEU A 487 -9.34 -39.73 -7.98
CA LEU A 487 -8.23 -39.30 -8.81
C LEU A 487 -7.98 -40.21 -10.00
N ASP A 488 -8.22 -41.50 -9.84
CA ASP A 488 -8.01 -42.41 -10.95
C ASP A 488 -9.10 -42.25 -12.02
N GLU A 489 -10.35 -42.20 -11.58
CA GLU A 489 -11.46 -41.98 -12.48
C GLU A 489 -11.34 -40.59 -13.12
N ALA A 490 -10.58 -39.71 -12.48
CA ALA A 490 -10.39 -38.38 -12.97
C ALA A 490 -9.29 -38.35 -14.00
N GLU A 491 -8.29 -39.20 -13.81
CA GLU A 491 -7.17 -39.29 -14.75
C GLU A 491 -7.75 -39.84 -16.05
N ALA A 492 -8.79 -40.64 -15.92
CA ALA A 492 -9.49 -41.15 -17.08
C ALA A 492 -10.13 -39.99 -17.84
N ALA A 493 -11.05 -39.31 -17.18
CA ALA A 493 -11.74 -38.16 -17.72
C ALA A 493 -10.80 -37.17 -18.41
N LEU A 494 -9.66 -36.89 -17.78
CA LEU A 494 -8.80 -35.81 -18.27
C LEU A 494 -8.06 -36.20 -19.52
N GLU A 495 -7.60 -37.44 -19.58
CA GLU A 495 -6.95 -37.86 -20.80
C GLU A 495 -7.95 -38.16 -21.92
N GLU A 496 -9.15 -38.57 -21.56
CA GLU A 496 -10.25 -38.62 -22.52
C GLU A 496 -10.27 -37.29 -23.28
N GLU A 497 -10.28 -36.22 -22.50
CA GLU A 497 -10.52 -34.89 -23.00
C GLU A 497 -9.32 -34.36 -23.74
N LEU A 498 -8.14 -34.52 -23.14
CA LEU A 498 -6.93 -34.11 -23.83
C LEU A 498 -6.84 -34.74 -25.23
N ARG A 499 -7.04 -36.06 -25.32
CA ARG A 499 -7.08 -36.74 -26.62
C ARG A 499 -8.00 -36.03 -27.58
N GLY A 500 -9.24 -35.79 -27.15
CA GLY A 500 -10.25 -35.18 -28.01
C GLY A 500 -9.79 -33.90 -28.69
N TRP A 501 -9.26 -32.97 -27.90
CA TRP A 501 -8.71 -31.72 -28.40
C TRP A 501 -7.49 -31.94 -29.29
N THR A 502 -6.55 -32.79 -28.88
CA THR A 502 -5.33 -32.96 -29.68
C THR A 502 -5.65 -33.55 -31.05
N GLU A 503 -6.72 -34.35 -31.11
CA GLU A 503 -7.14 -35.03 -32.34
C GLU A 503 -7.91 -34.09 -33.26
N LYS A 504 -8.85 -33.35 -32.68
CA LYS A 504 -9.71 -32.45 -33.44
C LYS A 504 -8.95 -31.22 -33.97
N TYR A 505 -7.95 -30.74 -33.23
CA TYR A 505 -7.25 -29.49 -33.57
C TYR A 505 -5.75 -29.61 -33.58
N ASP A 506 -5.15 -28.73 -34.38
CA ASP A 506 -3.71 -28.65 -34.56
C ASP A 506 -3.28 -27.28 -34.05
N LYS A 507 -3.70 -26.97 -32.83
CA LYS A 507 -3.18 -25.85 -32.06
C LYS A 507 -2.42 -26.41 -30.86
N PRO A 508 -1.63 -25.56 -30.18
CA PRO A 508 -1.06 -26.00 -28.92
C PRO A 508 -2.04 -25.73 -27.80
N ILE A 509 -1.89 -26.44 -26.69
CA ILE A 509 -2.85 -26.36 -25.60
C ILE A 509 -2.21 -25.88 -24.32
N VAL A 510 -2.94 -25.10 -23.54
CA VAL A 510 -2.46 -24.68 -22.24
C VAL A 510 -3.54 -24.87 -21.17
N MET A 511 -3.21 -25.49 -20.06
CA MET A 511 -4.18 -25.55 -18.97
C MET A 511 -4.10 -24.24 -18.25
N THR A 512 -5.07 -23.39 -18.49
CA THR A 512 -5.11 -22.12 -17.81
C THR A 512 -5.64 -22.22 -16.37
N GLU A 513 -6.50 -23.19 -16.11
CA GLU A 513 -7.03 -23.41 -14.76
C GLU A 513 -7.07 -24.89 -14.40
N TYR A 514 -6.38 -25.28 -13.32
CA TYR A 514 -6.63 -26.53 -12.60
C TYR A 514 -6.25 -26.43 -11.12
N GLY A 515 -7.14 -26.90 -10.25
CA GLY A 515 -6.95 -26.72 -8.81
C GLY A 515 -8.02 -27.33 -7.92
N ALA A 516 -7.88 -27.07 -6.61
CA ALA A 516 -8.74 -27.66 -5.55
C ALA A 516 -8.64 -26.82 -4.28
N ASP A 517 -9.80 -26.43 -3.74
CA ASP A 517 -9.81 -25.62 -2.52
C ASP A 517 -9.02 -26.28 -1.38
N THR A 518 -8.13 -25.52 -0.76
CA THR A 518 -7.34 -26.04 0.32
C THR A 518 -7.24 -25.07 1.45
N VAL A 519 -7.57 -25.56 2.64
CA VAL A 519 -7.50 -24.81 3.87
C VAL A 519 -6.13 -25.08 4.49
N ALA A 520 -5.36 -24.03 4.65
CA ALA A 520 -4.05 -24.19 5.25
C ALA A 520 -4.16 -24.97 6.58
N GLY A 521 -3.39 -26.04 6.67
CA GLY A 521 -3.26 -26.76 7.94
C GLY A 521 -4.23 -27.91 8.08
N LEU A 522 -5.17 -28.00 7.14
CA LEU A 522 -6.04 -29.16 7.10
C LEU A 522 -5.26 -30.27 6.40
N HIS A 523 -4.88 -31.28 7.17
CA HIS A 523 -4.12 -32.41 6.65
C HIS A 523 -4.91 -33.72 6.74
N SER A 524 -4.49 -34.72 5.99
CA SER A 524 -5.10 -36.04 6.08
C SER A 524 -4.20 -37.07 5.40
N VAL A 525 -3.95 -38.21 6.05
CA VAL A 525 -3.18 -39.24 5.38
C VAL A 525 -4.01 -39.89 4.31
N MET A 526 -5.34 -39.76 4.44
CA MET A 526 -6.32 -40.25 3.46
C MET A 526 -6.72 -39.20 2.38
N VAL A 527 -7.36 -39.69 1.31
CA VAL A 527 -7.82 -38.84 0.17
C VAL A 527 -8.94 -37.89 0.65
N THR A 528 -8.60 -36.64 0.92
CA THR A 528 -9.65 -35.75 1.40
C THR A 528 -9.53 -34.32 0.92
N PRO A 529 -10.49 -33.89 0.05
CA PRO A 529 -10.59 -32.55 -0.53
C PRO A 529 -10.65 -31.50 0.53
N TRP A 530 -9.95 -30.40 0.27
CA TRP A 530 -9.78 -29.31 1.23
C TRP A 530 -8.60 -29.59 2.19
N SER A 531 -7.81 -30.61 1.87
CA SER A 531 -6.68 -30.93 2.72
C SER A 531 -5.48 -30.61 1.87
N GLU A 532 -4.50 -29.93 2.47
CA GLU A 532 -3.25 -29.63 1.79
C GLU A 532 -2.79 -30.81 0.97
N GLU A 533 -2.96 -32.01 1.51
CA GLU A 533 -2.48 -33.22 0.85
C GLU A 533 -3.22 -33.47 -0.44
N PHE A 534 -4.55 -33.41 -0.39
CA PHE A 534 -5.33 -33.63 -1.60
C PHE A 534 -4.92 -32.68 -2.73
N GLN A 535 -4.83 -31.38 -2.43
CA GLN A 535 -4.35 -30.44 -3.43
C GLN A 535 -3.08 -30.95 -4.15
N VAL A 536 -2.06 -31.35 -3.38
CA VAL A 536 -0.83 -31.91 -3.97
C VAL A 536 -1.19 -33.02 -4.93
N GLU A 537 -1.97 -33.99 -4.48
CA GLU A 537 -2.21 -35.19 -5.26
C GLU A 537 -2.87 -34.88 -6.60
N MET A 538 -3.84 -33.98 -6.59
CA MET A 538 -4.53 -33.68 -7.83
C MET A 538 -3.52 -33.01 -8.74
N LEU A 539 -2.93 -31.93 -8.26
CA LEU A 539 -1.93 -31.27 -9.05
C LEU A 539 -0.95 -32.26 -9.63
N ASP A 540 -0.51 -33.23 -8.85
CA ASP A 540 0.52 -34.13 -9.30
C ASP A 540 0.06 -35.04 -10.41
N MET A 541 -1.15 -35.57 -10.30
CA MET A 541 -1.61 -36.49 -11.32
C MET A 541 -1.92 -35.75 -12.61
N TYR A 542 -2.30 -34.48 -12.52
CA TYR A 542 -2.51 -33.66 -13.71
C TYR A 542 -1.24 -33.51 -14.49
N HIS A 543 -0.19 -33.09 -13.80
CA HIS A 543 1.13 -33.02 -14.39
C HIS A 543 1.55 -34.29 -15.14
N ARG A 544 1.38 -35.44 -14.49
CA ARG A 544 1.69 -36.73 -15.09
C ARG A 544 0.96 -36.91 -16.42
N VAL A 545 -0.26 -36.38 -16.49
CA VAL A 545 -1.03 -36.51 -17.71
C VAL A 545 -0.51 -35.57 -18.78
N PHE A 546 -0.19 -34.33 -18.40
CA PHE A 546 0.32 -33.37 -19.38
C PHE A 546 1.54 -33.92 -20.09
N ASP A 547 2.44 -34.52 -19.32
CA ASP A 547 3.73 -34.97 -19.84
C ASP A 547 3.58 -36.06 -20.90
N ARG A 548 2.44 -36.73 -20.89
CA ARG A 548 2.20 -37.79 -21.83
C ARG A 548 1.54 -37.23 -23.08
N PHE A 549 1.13 -35.96 -23.04
CA PHE A 549 0.70 -35.32 -24.26
C PHE A 549 1.77 -34.39 -24.79
N GLU A 550 2.19 -34.67 -26.01
CA GLU A 550 3.22 -33.85 -26.66
C GLU A 550 2.64 -32.55 -27.23
N ALA A 551 1.31 -32.45 -27.28
CA ALA A 551 0.66 -31.22 -27.74
C ALA A 551 0.53 -30.09 -26.70
N MET A 552 0.98 -30.33 -25.47
CA MET A 552 0.80 -29.37 -24.38
C MET A 552 1.83 -28.26 -24.51
N ALA A 553 1.40 -27.02 -24.31
CA ALA A 553 2.31 -25.89 -24.38
C ALA A 553 2.33 -25.09 -23.09
N GLY A 554 1.66 -25.59 -22.06
CA GLY A 554 1.82 -24.97 -20.77
C GLY A 554 0.78 -25.32 -19.75
N GLU A 555 1.05 -24.89 -18.52
CA GLU A 555 0.27 -25.27 -17.34
C GLU A 555 0.21 -24.12 -16.34
N GLN A 556 -1.00 -23.69 -16.02
CA GLN A 556 -1.20 -22.65 -15.02
C GLN A 556 -2.18 -23.10 -13.97
N VAL A 557 -1.68 -23.33 -12.76
CA VAL A 557 -2.49 -23.73 -11.61
C VAL A 557 -3.52 -22.65 -11.35
N TRP A 558 -4.69 -23.04 -10.86
CA TRP A 558 -5.63 -22.07 -10.38
C TRP A 558 -5.80 -22.28 -8.90
N ASN A 559 -5.26 -21.39 -8.04
CA ASN A 559 -4.84 -20.06 -8.39
C ASN A 559 -3.55 -19.77 -7.64
N PHE A 560 -2.98 -18.59 -7.83
CA PHE A 560 -1.80 -18.14 -7.09
C PHE A 560 -2.08 -18.12 -5.57
N ALA A 561 -3.19 -17.48 -5.18
CA ALA A 561 -3.42 -17.20 -3.79
C ALA A 561 -4.91 -17.07 -3.50
N ASP A 562 -5.37 -17.63 -2.38
CA ASP A 562 -6.75 -17.44 -1.92
C ASP A 562 -7.23 -16.02 -2.17
N PHE A 563 -8.50 -15.84 -2.58
CA PHE A 563 -9.01 -14.51 -2.90
C PHE A 563 -10.51 -14.34 -2.60
N GLN A 564 -10.97 -13.10 -2.45
CA GLN A 564 -12.34 -12.89 -1.99
C GLN A 564 -13.34 -12.97 -3.13
N THR A 565 -14.49 -13.56 -2.84
CA THR A 565 -15.50 -13.84 -3.84
C THR A 565 -16.85 -13.42 -3.29
N ALA A 566 -17.90 -13.49 -4.11
CA ALA A 566 -19.24 -13.22 -3.63
C ALA A 566 -19.62 -14.22 -2.57
N VAL A 567 -20.31 -13.75 -1.56
CA VAL A 567 -20.84 -14.58 -0.48
C VAL A 567 -21.45 -15.87 -1.05
N GLY A 568 -21.12 -17.03 -0.47
CA GLY A 568 -21.66 -18.30 -0.98
C GLY A 568 -21.35 -19.47 -0.04
N VAL A 569 -22.31 -20.39 0.09
CA VAL A 569 -22.15 -21.57 0.99
C VAL A 569 -20.99 -22.51 0.63
N SER A 570 -20.70 -22.66 -0.65
CA SER A 570 -19.57 -23.50 -1.06
C SER A 570 -18.29 -22.67 -1.29
N ARG A 571 -18.32 -21.44 -0.76
CA ARG A 571 -17.16 -20.55 -0.76
C ARG A 571 -16.78 -20.19 0.66
N VAL A 572 -15.74 -20.86 1.17
CA VAL A 572 -15.23 -20.63 2.51
C VAL A 572 -14.48 -19.28 2.59
N ASP A 573 -15.24 -18.21 2.83
CA ASP A 573 -14.70 -16.84 2.80
C ASP A 573 -13.84 -16.63 1.56
N GLY A 574 -14.49 -16.60 0.40
CA GLY A 574 -13.78 -16.56 -0.88
C GLY A 574 -13.33 -17.93 -1.37
N ASN A 575 -12.39 -17.90 -2.29
CA ASN A 575 -11.92 -19.07 -3.03
C ASN A 575 -10.58 -19.48 -2.44
N LYS A 576 -10.44 -20.77 -2.11
CA LYS A 576 -9.26 -21.27 -1.44
C LYS A 576 -8.42 -22.14 -2.37
N LYS A 577 -8.75 -22.14 -3.66
CA LYS A 577 -7.93 -22.83 -4.68
C LYS A 577 -6.53 -22.20 -4.77
N GLY A 578 -6.22 -21.32 -3.83
CA GLY A 578 -4.90 -20.71 -3.76
C GLY A 578 -3.81 -21.72 -3.41
N VAL A 579 -2.66 -21.56 -4.05
CA VAL A 579 -1.49 -22.33 -3.70
C VAL A 579 -0.78 -21.62 -2.51
N PHE A 580 -1.03 -20.32 -2.38
CA PHE A 580 -0.54 -19.55 -1.26
C PHE A 580 -1.75 -19.01 -0.57
N THR A 581 -1.63 -18.61 0.68
CA THR A 581 -2.79 -18.06 1.36
C THR A 581 -2.96 -16.64 0.89
N ARG A 582 -4.08 -16.02 1.22
CA ARG A 582 -4.28 -14.61 0.92
C ARG A 582 -3.21 -13.76 1.54
N ASP A 583 -2.57 -14.22 2.60
CA ASP A 583 -1.44 -13.47 3.13
C ASP A 583 -0.12 -13.99 2.56
N ARG A 584 -0.22 -14.81 1.51
CA ARG A 584 0.94 -15.20 0.71
C ARG A 584 1.86 -16.24 1.37
N LYS A 585 1.27 -17.16 2.12
CA LYS A 585 2.01 -18.23 2.76
C LYS A 585 1.82 -19.52 1.97
N PRO A 586 2.92 -20.24 1.73
CA PRO A 586 2.92 -21.43 0.89
C PRO A 586 2.20 -22.58 1.54
N LYS A 587 1.17 -23.10 0.89
CA LYS A 587 0.61 -24.41 1.20
C LYS A 587 1.55 -25.47 0.65
N ALA A 588 1.24 -26.72 0.91
CA ALA A 588 2.05 -27.82 0.38
C ALA A 588 2.18 -27.70 -1.13
N ALA A 589 1.11 -27.35 -1.82
CA ALA A 589 1.19 -27.26 -3.29
C ALA A 589 2.35 -26.38 -3.76
N ALA A 590 2.53 -25.22 -3.13
CA ALA A 590 3.67 -24.36 -3.50
C ALA A 590 4.95 -25.19 -3.69
N HIS A 591 5.28 -26.01 -2.70
CA HIS A 591 6.53 -26.77 -2.72
C HIS A 591 6.59 -27.85 -3.82
N LEU A 592 5.44 -28.46 -4.14
CA LEU A 592 5.32 -29.39 -5.30
C LEU A 592 5.66 -28.68 -6.58
N LEU A 593 5.06 -27.50 -6.76
CA LEU A 593 5.23 -26.71 -7.98
C LEU A 593 6.66 -26.23 -8.14
N ARG A 594 7.26 -25.85 -7.02
CA ARG A 594 8.64 -25.43 -7.00
C ARG A 594 9.52 -26.61 -7.38
N LYS A 595 9.16 -27.79 -6.88
CA LYS A 595 9.95 -28.99 -7.16
C LYS A 595 9.87 -29.38 -8.61
N ARG A 596 8.68 -29.30 -9.20
CA ARG A 596 8.53 -29.60 -10.62
C ARG A 596 9.11 -28.53 -11.55
N TRP A 597 8.86 -27.26 -11.24
CA TRP A 597 9.27 -26.20 -12.14
C TRP A 597 10.77 -25.88 -12.16
N THR A 598 11.47 -26.16 -11.06
CA THR A 598 12.89 -25.80 -10.99
C THR A 598 13.81 -26.96 -11.34
N ASN A 599 13.34 -28.19 -11.17
CA ASN A 599 14.18 -29.38 -11.33
C ASN A 599 14.17 -30.00 -12.72
N LEU A 600 13.14 -29.70 -13.51
CA LEU A 600 13.19 -30.01 -14.94
C LEU A 600 13.00 -28.76 -15.83
N HIS A 601 12.89 -28.98 -17.14
CA HIS A 601 13.05 -27.92 -18.14
C HIS A 601 11.94 -26.88 -18.04
N GLY B 7 16.49 20.79 12.90
CA GLY B 7 16.94 20.50 11.51
C GLY B 7 15.85 19.89 10.63
N SER B 8 14.59 20.17 10.96
CA SER B 8 13.39 19.67 10.25
C SER B 8 12.66 20.90 9.73
N MET B 9 11.35 20.83 9.62
CA MET B 9 10.52 21.92 9.13
C MET B 9 9.12 21.34 9.07
N LEU B 10 8.11 22.17 8.93
CA LEU B 10 6.75 21.67 8.83
C LEU B 10 6.59 20.65 7.70
N LYS B 11 5.76 19.65 7.91
CA LYS B 11 5.45 18.65 6.89
C LYS B 11 5.18 19.33 5.54
N PRO B 12 5.96 18.98 4.51
CA PRO B 12 5.75 19.60 3.20
C PRO B 12 4.29 19.50 2.79
N GLN B 13 3.73 20.56 2.25
CA GLN B 13 2.38 20.50 1.66
C GLN B 13 2.28 21.39 0.42
N GLN B 14 1.42 21.01 -0.53
CA GLN B 14 1.22 21.84 -1.71
C GLN B 14 0.31 22.99 -1.36
N THR B 15 0.79 24.22 -1.53
CA THR B 15 -0.13 25.37 -1.57
C THR B 15 -0.12 26.11 -2.89
N THR B 16 -0.52 27.36 -2.83
CA THR B 16 -0.51 28.23 -3.99
C THR B 16 0.92 28.70 -4.21
N THR B 17 1.78 28.51 -3.23
CA THR B 17 3.13 29.04 -3.32
C THR B 17 4.17 27.97 -3.04
N ARG B 18 3.69 26.81 -2.58
CA ARG B 18 4.56 25.65 -2.39
C ARG B 18 4.18 24.47 -3.27
N ASP B 19 5.19 23.84 -3.87
CA ASP B 19 4.96 22.61 -4.61
C ASP B 19 5.66 21.41 -3.98
N LEU B 20 5.29 20.21 -4.45
CA LEU B 20 5.47 19.00 -3.67
C LEU B 20 5.32 17.76 -4.53
N ILE B 21 6.39 16.98 -4.67
CA ILE B 21 6.37 15.71 -5.42
C ILE B 21 6.62 14.49 -4.51
N SER B 22 5.81 13.44 -4.68
CA SER B 22 6.12 12.14 -4.09
C SER B 22 7.19 11.35 -4.86
N LEU B 23 8.08 10.71 -4.12
CA LEU B 23 9.17 9.91 -4.68
C LEU B 23 8.98 8.41 -4.43
N ASP B 24 7.86 8.07 -3.78
CA ASP B 24 7.45 6.69 -3.56
C ASP B 24 7.32 5.91 -4.88
N GLY B 25 7.54 4.60 -4.81
CA GLY B 25 7.50 3.74 -5.99
C GLY B 25 8.64 2.75 -5.93
N LEU B 26 9.01 2.15 -7.07
CA LEU B 26 10.09 1.18 -7.01
C LEU B 26 11.48 1.79 -7.20
N TRP B 27 12.30 1.70 -6.16
CA TRP B 27 13.68 2.14 -6.23
C TRP B 27 14.60 0.98 -6.47
N LYS B 28 15.66 1.19 -7.24
CA LYS B 28 16.69 0.18 -7.32
C LYS B 28 17.28 0.04 -5.93
N PHE B 29 17.34 -1.21 -5.47
CA PHE B 29 17.73 -1.55 -4.11
C PHE B 29 18.90 -2.51 -4.13
N ALA B 30 19.87 -2.29 -3.25
CA ALA B 30 21.03 -3.20 -3.12
C ALA B 30 21.60 -3.05 -1.75
N LEU B 31 22.08 -4.15 -1.20
CA LEU B 31 22.71 -4.07 0.10
C LEU B 31 24.24 -4.08 -0.02
N ALA B 32 24.90 -3.48 0.97
CA ALA B 32 26.35 -3.32 0.97
C ALA B 32 27.08 -4.65 1.08
N SER B 33 27.90 -4.97 0.09
CA SER B 33 28.83 -6.07 0.27
C SER B 33 30.23 -5.52 0.42
N ASP B 34 31.21 -6.41 0.52
CA ASP B 34 32.62 -6.02 0.62
C ASP B 34 33.33 -6.18 -0.74
N ASP B 35 32.82 -5.49 -1.74
CA ASP B 35 33.44 -5.45 -3.06
C ASP B 35 34.60 -4.48 -3.02
N ASN B 36 35.29 -4.38 -4.16
CA ASN B 36 36.02 -3.18 -4.54
C ASN B 36 35.13 -1.93 -4.39
N ASN B 37 33.81 -2.10 -4.60
CA ASN B 37 32.88 -1.00 -4.60
C ASN B 37 32.49 -0.61 -3.18
N THR B 38 33.36 0.15 -2.54
CA THR B 38 33.19 0.53 -1.14
C THR B 38 32.37 1.83 -1.01
N GLN B 39 32.10 2.46 -2.15
CA GLN B 39 31.42 3.75 -2.21
C GLN B 39 30.31 3.72 -3.25
N PRO B 40 29.27 2.93 -2.97
CA PRO B 40 28.27 2.60 -3.98
C PRO B 40 27.42 3.78 -4.37
N TRP B 41 27.50 4.85 -3.58
CA TRP B 41 26.60 5.99 -3.71
C TRP B 41 27.04 6.94 -4.82
N THR B 42 28.15 6.59 -5.48
CA THR B 42 28.78 7.41 -6.50
C THR B 42 28.87 6.59 -7.79
N SER B 43 27.87 5.74 -8.01
CA SER B 43 27.79 4.94 -9.25
C SER B 43 26.40 4.33 -9.39
N GLN B 44 26.13 3.66 -10.51
CA GLN B 44 24.87 2.98 -10.62
C GLN B 44 24.97 1.73 -9.78
N LEU B 45 23.87 1.31 -9.18
CA LEU B 45 23.89 0.09 -8.37
C LEU B 45 23.91 -1.14 -9.27
N LYS B 46 24.62 -2.18 -8.83
CA LYS B 46 24.70 -3.44 -9.56
C LYS B 46 23.47 -4.35 -9.43
N THR B 47 22.55 -3.98 -8.57
CA THR B 47 21.36 -4.79 -8.30
C THR B 47 20.37 -4.80 -9.48
N SER B 48 19.69 -5.91 -9.70
CA SER B 48 18.43 -5.87 -10.45
C SER B 48 17.18 -6.05 -9.54
N LEU B 49 17.33 -5.72 -8.27
CA LEU B 49 16.23 -5.67 -7.32
C LEU B 49 15.59 -4.30 -7.21
N GLU B 50 14.26 -4.27 -7.33
CA GLU B 50 13.51 -3.06 -7.06
C GLU B 50 12.76 -3.27 -5.75
N CYS B 51 12.94 -2.33 -4.84
CA CYS B 51 12.27 -2.35 -3.58
C CYS B 51 11.31 -1.18 -3.53
N PRO B 52 10.05 -1.44 -3.10
CA PRO B 52 9.06 -0.38 -3.02
C PRO B 52 9.45 0.54 -1.91
N VAL B 53 9.19 1.83 -2.06
CA VAL B 53 9.58 2.77 -1.02
C VAL B 53 8.71 2.87 0.21
N PRO B 54 7.48 3.36 0.07
CA PRO B 54 6.82 3.50 1.38
C PRO B 54 7.10 2.32 2.33
N ALA B 55 7.34 1.10 1.84
CA ALA B 55 7.70 -0.10 2.64
C ALA B 55 9.00 -0.17 3.49
N SER B 56 9.22 -1.34 4.11
CA SER B 56 10.51 -1.69 4.73
C SER B 56 10.94 -3.10 4.31
N TYR B 57 12.22 -3.28 4.05
CA TYR B 57 12.69 -4.24 3.07
C TYR B 57 12.76 -5.73 3.44
N ASN B 58 13.02 -6.03 4.69
CA ASN B 58 13.25 -7.41 5.14
C ASN B 58 12.35 -8.52 4.58
N ASP B 59 11.03 -8.31 4.67
CA ASP B 59 10.11 -9.36 4.27
C ASP B 59 9.82 -9.30 2.79
N ILE B 60 10.36 -8.30 2.11
CA ILE B 60 9.88 -8.04 0.75
C ILE B 60 10.40 -9.04 -0.25
N PHE B 61 11.65 -9.43 -0.11
CA PHE B 61 12.28 -10.15 -1.21
C PHE B 61 12.22 -11.68 -1.14
N ALA B 62 11.62 -12.21 -0.09
CA ALA B 62 11.57 -13.65 0.08
C ALA B 62 12.97 -14.24 0.06
N ASP B 63 13.93 -13.46 0.53
CA ASP B 63 15.32 -13.85 0.49
C ASP B 63 15.95 -13.59 1.83
N SER B 64 16.60 -14.65 2.36
CA SER B 64 17.13 -14.67 3.72
C SER B 64 18.26 -13.68 3.94
N LYS B 65 19.31 -13.80 3.15
CA LYS B 65 20.44 -12.86 3.14
C LYS B 65 20.00 -11.39 3.22
N ILE B 66 18.97 -11.04 2.46
CA ILE B 66 18.40 -9.69 2.55
C ILE B 66 17.77 -9.44 3.93
N HIS B 67 16.83 -10.31 4.32
CA HIS B 67 16.11 -10.17 5.57
C HIS B 67 17.06 -10.14 6.78
N ASP B 68 17.98 -11.11 6.81
CA ASP B 68 19.03 -11.23 7.84
C ASP B 68 20.11 -10.17 7.88
N HIS B 69 20.21 -9.32 6.86
CA HIS B 69 21.36 -8.44 6.67
C HIS B 69 21.65 -7.52 7.87
N VAL B 70 22.90 -7.45 8.30
CA VAL B 70 23.28 -6.44 9.28
C VAL B 70 24.14 -5.36 8.61
N GLY B 71 23.69 -4.12 8.61
CA GLY B 71 24.50 -3.03 8.08
C GLY B 71 23.80 -2.10 7.10
N TRP B 72 24.55 -1.66 6.10
CA TRP B 72 24.01 -0.70 5.14
C TRP B 72 23.27 -1.39 4.00
N VAL B 73 22.22 -0.72 3.51
CA VAL B 73 21.65 -1.00 2.19
C VAL B 73 21.52 0.32 1.43
N TYR B 74 21.31 0.25 0.12
CA TYR B 74 21.19 1.45 -0.67
C TYR B 74 19.94 1.46 -1.54
N TYR B 75 19.12 2.49 -1.40
CA TYR B 75 18.04 2.79 -2.34
C TYR B 75 18.48 3.86 -3.35
N GLN B 76 18.17 3.64 -4.63
CA GLN B 76 18.62 4.58 -5.68
C GLN B 76 17.61 4.75 -6.81
N ARG B 77 17.46 5.98 -7.29
CA ARG B 77 16.54 6.31 -8.40
C ARG B 77 16.89 7.66 -8.97
N ASP B 78 16.44 7.92 -10.20
CA ASP B 78 16.60 9.25 -10.81
C ASP B 78 15.43 10.19 -10.49
N VAL B 79 15.74 11.47 -10.31
CA VAL B 79 14.74 12.48 -9.97
C VAL B 79 14.85 13.71 -10.86
N ILE B 80 13.69 14.20 -11.30
CA ILE B 80 13.66 15.40 -12.13
C ILE B 80 13.06 16.57 -11.36
N VAL B 81 13.90 17.55 -11.07
CA VAL B 81 13.44 18.82 -10.53
C VAL B 81 12.70 19.58 -11.63
N PRO B 82 11.45 19.99 -11.36
CA PRO B 82 10.62 20.61 -12.40
C PRO B 82 11.25 21.90 -12.96
N LYS B 83 11.03 22.19 -14.25
CA LYS B 83 11.52 23.46 -14.84
C LYS B 83 11.00 24.70 -14.10
N GLY B 84 9.72 24.69 -13.73
CA GLY B 84 9.11 25.85 -13.07
C GLY B 84 9.61 26.17 -11.67
N TRP B 85 10.39 25.25 -11.09
CA TRP B 85 10.90 25.36 -9.71
C TRP B 85 11.90 26.50 -9.50
N SER B 86 12.69 26.85 -10.52
CA SER B 86 13.67 27.98 -10.41
C SER B 86 13.09 29.28 -9.81
N GLU B 87 13.96 30.13 -9.30
CA GLU B 87 13.55 31.29 -8.50
C GLU B 87 12.89 30.83 -7.21
N GLU B 88 12.74 29.52 -7.07
CA GLU B 88 12.11 28.90 -5.92
C GLU B 88 13.15 28.07 -5.17
N ARG B 89 12.86 27.77 -3.91
CA ARG B 89 13.80 27.02 -3.08
C ARG B 89 13.24 25.62 -2.84
N TYR B 90 14.03 24.60 -3.22
CA TYR B 90 13.59 23.21 -3.10
C TYR B 90 14.54 22.28 -2.36
N LEU B 91 13.96 21.23 -1.78
CA LEU B 91 14.68 20.30 -0.91
C LEU B 91 14.10 18.88 -0.95
N VAL B 92 14.89 17.92 -0.47
CA VAL B 92 14.50 16.49 -0.50
C VAL B 92 14.28 16.04 0.92
N ARG B 93 13.06 15.64 1.26
CA ARG B 93 12.76 15.16 2.61
C ARG B 93 12.53 13.65 2.74
N CYS B 94 12.90 13.09 3.88
CA CYS B 94 12.62 11.71 4.23
C CYS B 94 11.74 11.73 5.44
N GLU B 95 10.54 11.17 5.31
CA GLU B 95 9.62 11.13 6.43
C GLU B 95 10.25 10.33 7.57
N ALA B 96 10.97 9.26 7.20
CA ALA B 96 11.74 8.43 8.13
C ALA B 96 12.61 7.45 7.37
N ALA B 97 13.68 7.00 8.03
CA ALA B 97 14.44 5.82 7.62
C ALA B 97 14.26 4.60 8.55
N THR B 98 15.10 3.62 8.39
CA THR B 98 15.42 2.79 9.52
C THR B 98 16.32 3.71 10.27
N HIS B 99 16.92 3.16 11.33
CA HIS B 99 17.68 3.98 12.22
C HIS B 99 18.59 5.07 11.61
N HIS B 100 19.56 4.67 10.80
CA HIS B 100 20.55 5.60 10.30
C HIS B 100 20.37 5.84 8.80
N GLY B 101 20.01 7.07 8.42
CA GLY B 101 19.81 7.39 7.01
C GLY B 101 20.81 8.42 6.52
N ARG B 102 21.30 8.25 5.30
CA ARG B 102 22.14 9.26 4.66
C ARG B 102 21.61 9.55 3.25
N ILE B 103 21.32 10.82 2.96
CA ILE B 103 20.92 11.26 1.63
C ILE B 103 22.12 11.69 0.80
N TYR B 104 22.20 11.11 -0.39
CA TYR B 104 23.20 11.48 -1.36
C TYR B 104 22.56 12.03 -2.64
N VAL B 105 22.98 13.23 -3.02
CA VAL B 105 22.42 13.90 -4.18
C VAL B 105 23.49 14.09 -5.24
N ASN B 106 23.48 13.23 -6.24
CA ASN B 106 24.57 13.20 -7.22
C ASN B 106 25.90 12.96 -6.53
N GLY B 107 26.04 11.80 -5.89
CA GLY B 107 27.27 11.45 -5.18
C GLY B 107 27.61 12.30 -3.95
N ASN B 108 26.87 13.38 -3.73
CA ASN B 108 27.23 14.32 -2.68
C ASN B 108 26.46 14.01 -1.42
N LEU B 109 27.17 13.78 -0.31
CA LEU B 109 26.52 13.56 0.99
C LEU B 109 25.78 14.81 1.40
N VAL B 110 24.46 14.75 1.47
CA VAL B 110 23.70 15.98 1.73
C VAL B 110 22.92 15.98 3.04
N ALA B 111 22.76 14.81 3.65
CA ALA B 111 22.25 14.70 5.03
C ALA B 111 22.65 13.38 5.68
N ASP B 112 22.62 13.34 7.01
CA ASP B 112 23.02 12.16 7.79
C ASP B 112 22.29 12.22 9.12
N HIS B 113 21.44 11.24 9.39
CA HIS B 113 20.45 11.39 10.44
C HIS B 113 20.26 10.11 11.23
N VAL B 114 20.17 10.28 12.55
CA VAL B 114 20.40 9.19 13.47
C VAL B 114 19.12 8.76 14.21
N GLY B 115 18.11 9.61 14.23
CA GLY B 115 16.77 9.11 14.62
C GLY B 115 16.20 8.04 13.69
N GLY B 116 15.37 7.15 14.23
CA GLY B 116 14.91 6.03 13.40
C GLY B 116 13.52 6.21 12.82
N TYR B 117 12.77 7.19 13.34
CA TYR B 117 11.34 7.30 13.10
C TYR B 117 10.88 8.75 12.98
N THR B 118 11.82 9.65 12.72
CA THR B 118 11.50 11.05 12.49
C THR B 118 12.10 11.51 11.17
N PRO B 119 11.67 12.70 10.68
CA PRO B 119 12.09 13.23 9.39
C PRO B 119 13.52 13.76 9.34
N PHE B 120 14.08 13.81 8.15
CA PHE B 120 15.26 14.59 7.88
C PHE B 120 15.20 15.00 6.43
N GLU B 121 15.88 16.11 6.13
CA GLU B 121 15.78 16.78 4.82
C GLU B 121 17.03 17.57 4.43
N ALA B 122 17.06 17.98 3.16
CA ALA B 122 18.21 18.70 2.61
C ALA B 122 17.78 19.72 1.54
N ASP B 123 17.98 21.00 1.84
CA ASP B 123 17.98 22.07 0.85
C ASP B 123 19.02 21.77 -0.25
N ILE B 124 18.53 21.48 -1.46
CA ILE B 124 19.44 21.21 -2.58
C ILE B 124 19.35 22.21 -3.73
N THR B 125 18.69 23.34 -3.48
CA THR B 125 18.53 24.40 -4.50
C THR B 125 19.80 24.78 -5.26
N ASP B 126 20.97 24.68 -4.64
CA ASP B 126 22.20 25.07 -5.34
C ASP B 126 22.98 23.86 -5.87
N LEU B 127 22.50 22.65 -5.57
CA LEU B 127 23.18 21.43 -5.98
C LEU B 127 22.69 20.93 -7.33
N VAL B 128 21.40 21.08 -7.61
CA VAL B 128 20.83 20.66 -8.88
C VAL B 128 20.11 21.84 -9.53
N ALA B 129 20.27 21.97 -10.84
CA ALA B 129 19.57 23.02 -11.61
C ALA B 129 18.09 22.69 -11.88
N ALA B 130 17.19 23.62 -11.58
CA ALA B 130 15.76 23.42 -11.81
C ALA B 130 15.50 23.08 -13.28
N GLY B 131 14.76 22.00 -13.52
CA GLY B 131 14.53 21.53 -14.87
C GLY B 131 15.47 20.41 -15.24
N GLU B 132 16.44 20.14 -14.37
CA GLU B 132 17.47 19.10 -14.62
C GLU B 132 17.22 17.82 -13.82
N GLN B 133 17.87 16.74 -14.25
CA GLN B 133 17.70 15.44 -13.61
C GLN B 133 18.91 15.09 -12.74
N PHE B 134 18.64 14.42 -11.62
CA PHE B 134 19.72 13.97 -10.74
C PHE B 134 19.44 12.57 -10.20
N ARG B 135 20.53 11.91 -9.79
CA ARG B 135 20.51 10.57 -9.20
C ARG B 135 20.56 10.69 -7.69
N LEU B 136 19.48 10.22 -7.08
CA LEU B 136 19.28 10.29 -5.64
C LEU B 136 19.45 8.88 -5.13
N THR B 137 20.33 8.74 -4.15
CA THR B 137 20.56 7.46 -3.55
C THR B 137 20.60 7.62 -2.05
N ILE B 138 19.88 6.75 -1.34
CA ILE B 138 19.79 6.86 0.11
C ILE B 138 20.31 5.64 0.82
N ALA B 139 21.23 5.84 1.76
CA ALA B 139 21.85 4.73 2.45
C ALA B 139 21.21 4.61 3.81
N VAL B 140 20.71 3.42 4.11
CA VAL B 140 20.05 3.17 5.37
C VAL B 140 20.79 2.04 6.09
N ASP B 141 21.22 2.32 7.31
CA ASP B 141 21.92 1.33 8.13
C ASP B 141 21.00 0.93 9.24
N ASN B 142 20.90 -0.38 9.43
CA ASN B 142 20.03 -0.97 10.44
C ASN B 142 20.73 -1.30 11.78
N GLU B 143 22.01 -1.00 11.92
CA GLU B 143 22.74 -1.46 13.09
C GLU B 143 22.40 -0.69 14.36
N LEU B 144 22.02 -1.41 15.42
CA LEU B 144 21.86 -0.78 16.73
C LEU B 144 23.13 -0.95 17.57
N THR B 145 23.31 -0.04 18.50
CA THR B 145 24.45 -0.11 19.42
C THR B 145 24.02 0.31 20.81
N TYR B 146 24.97 0.41 21.73
CA TYR B 146 24.60 0.77 23.09
C TYR B 146 24.19 2.21 23.10
N GLN B 147 24.48 2.90 22.00
CA GLN B 147 24.12 4.30 21.87
C GLN B 147 22.97 4.64 20.93
N THR B 148 22.51 3.68 20.11
CA THR B 148 21.31 3.94 19.28
C THR B 148 20.11 3.91 20.18
N ILE B 149 19.03 4.49 19.71
CA ILE B 149 17.93 4.68 20.62
C ILE B 149 17.07 3.46 20.91
N PRO B 150 16.71 2.65 19.90
CA PRO B 150 16.60 1.34 20.58
C PRO B 150 18.04 0.80 20.67
N PRO B 151 18.51 0.43 21.89
CA PRO B 151 19.87 -0.10 21.94
C PRO B 151 20.00 -1.59 21.62
N GLY B 152 21.24 -2.02 21.37
CA GLY B 152 21.53 -3.42 21.10
C GLY B 152 22.95 -3.55 20.57
N LYS B 153 23.51 -4.75 20.58
CA LYS B 153 24.83 -4.95 20.00
C LYS B 153 24.74 -5.91 18.83
N VAL B 154 25.71 -5.81 17.92
CA VAL B 154 25.86 -6.76 16.83
C VAL B 154 26.87 -7.82 17.26
N GLU B 155 26.61 -9.07 16.93
CA GLU B 155 27.56 -10.12 17.29
C GLU B 155 27.87 -11.10 16.17
N ILE B 156 28.94 -11.85 16.38
CA ILE B 156 29.40 -12.82 15.38
C ILE B 156 29.18 -14.27 15.81
N LEU B 157 28.43 -15.01 15.00
CA LEU B 157 28.23 -16.41 15.28
C LEU B 157 29.55 -17.17 15.17
N GLU B 158 30.00 -17.67 16.31
CA GLU B 158 31.29 -18.34 16.45
C GLU B 158 31.69 -19.20 15.24
N ALA B 159 30.94 -20.29 14.98
CA ALA B 159 31.33 -21.24 13.94
C ALA B 159 31.17 -20.70 12.53
N THR B 160 29.99 -20.23 12.16
CA THR B 160 29.75 -19.85 10.78
C THR B 160 30.33 -18.50 10.42
N GLY B 161 30.39 -17.60 11.38
CA GLY B 161 30.95 -16.28 11.12
C GLY B 161 29.90 -15.23 10.83
N LYS B 162 28.68 -15.67 10.49
CA LYS B 162 27.53 -14.76 10.24
C LYS B 162 27.31 -13.64 11.28
N LYS B 163 27.11 -12.43 10.78
CA LYS B 163 26.74 -11.29 11.63
C LYS B 163 25.33 -11.49 12.13
N VAL B 164 25.08 -11.05 13.35
CA VAL B 164 23.74 -11.13 13.95
C VAL B 164 23.47 -9.89 14.79
N GLN B 165 22.22 -9.46 14.88
CA GLN B 165 21.89 -8.25 15.61
C GLN B 165 21.08 -8.60 16.84
N THR B 166 21.64 -8.36 18.02
CA THR B 166 20.90 -8.56 19.25
C THR B 166 20.23 -7.26 19.58
N TYR B 167 19.12 -7.37 20.30
CA TYR B 167 18.42 -6.22 20.85
C TYR B 167 17.50 -6.66 21.97
N GLN B 168 16.96 -5.70 22.72
CA GLN B 168 16.26 -6.07 23.93
C GLN B 168 14.73 -6.06 23.80
N HIS B 169 14.21 -5.50 22.72
CA HIS B 169 12.77 -5.31 22.63
C HIS B 169 12.11 -6.42 21.83
N ASP B 170 10.80 -6.54 22.07
CA ASP B 170 9.91 -7.55 21.55
C ASP B 170 9.96 -7.61 20.05
N PHE B 171 9.41 -6.57 19.44
CA PHE B 171 9.20 -6.53 17.99
C PHE B 171 10.45 -6.64 17.13
N TYR B 172 10.24 -7.19 15.93
CA TYR B 172 11.30 -7.33 14.95
C TYR B 172 11.88 -6.03 14.46
N ASN B 173 13.17 -6.10 14.14
CA ASN B 173 13.96 -4.94 13.73
C ASN B 173 13.92 -4.66 12.24
N TYR B 174 12.71 -4.55 11.72
CA TYR B 174 12.46 -4.12 10.36
C TYR B 174 13.19 -2.81 10.01
N ALA B 175 14.05 -2.88 8.99
CA ALA B 175 14.77 -1.71 8.48
C ALA B 175 14.25 -1.19 7.13
N GLY B 176 14.55 0.09 6.83
CA GLY B 176 14.39 0.64 5.48
C GLY B 176 13.71 1.99 5.43
N LEU B 177 13.32 2.41 4.23
CA LEU B 177 12.64 3.68 4.08
C LEU B 177 11.14 3.51 4.36
N ALA B 178 10.78 3.27 5.62
CA ALA B 178 9.42 2.88 6.00
C ALA B 178 8.34 3.96 5.78
N ARG B 179 8.75 5.13 5.31
CA ARG B 179 7.81 6.23 5.16
C ARG B 179 8.23 7.13 4.01
N SER B 180 7.26 7.83 3.43
CA SER B 180 7.42 8.48 2.13
C SER B 180 8.61 9.41 1.96
N VAL B 181 9.01 9.62 0.71
CA VAL B 181 10.12 10.50 0.38
C VAL B 181 9.62 11.56 -0.57
N TRP B 182 10.14 12.77 -0.42
CA TRP B 182 9.58 13.88 -1.13
C TRP B 182 10.66 14.78 -1.69
N LEU B 183 10.34 15.39 -2.83
CA LEU B 183 11.01 16.61 -3.30
C LEU B 183 9.99 17.74 -3.21
N TYR B 184 10.36 18.87 -2.61
CA TYR B 184 9.36 19.96 -2.53
C TYR B 184 9.89 21.37 -2.64
N SER B 185 8.99 22.26 -3.07
CA SER B 185 9.33 23.65 -3.36
C SER B 185 8.87 24.49 -2.20
N VAL B 186 9.63 25.55 -1.94
CA VAL B 186 9.29 26.53 -0.93
C VAL B 186 9.88 27.89 -1.35
N PRO B 187 9.16 28.99 -1.06
CA PRO B 187 9.59 30.29 -1.55
C PRO B 187 10.82 30.74 -0.80
N GLN B 188 11.68 31.48 -1.48
CA GLN B 188 12.85 32.09 -0.86
C GLN B 188 12.58 32.58 0.56
N GLN B 189 11.52 33.34 0.73
CA GLN B 189 11.15 33.75 2.07
C GLN B 189 9.97 32.94 2.60
N HIS B 190 10.26 31.75 3.11
CA HIS B 190 9.23 30.79 3.53
C HIS B 190 8.98 30.75 5.04
N ILE B 191 7.81 30.22 5.44
CA ILE B 191 7.54 29.81 6.82
C ILE B 191 8.24 28.50 7.14
N GLN B 192 8.92 28.41 8.29
CA GLN B 192 9.70 27.21 8.63
C GLN B 192 9.09 26.31 9.70
N ASP B 193 8.42 26.93 10.66
CA ASP B 193 7.85 26.19 11.76
C ASP B 193 6.67 26.99 12.22
N ILE B 194 5.67 26.33 12.79
CA ILE B 194 4.56 27.03 13.40
C ILE B 194 4.38 26.38 14.74
N THR B 195 3.74 27.04 15.69
CA THR B 195 3.39 26.38 16.95
C THR B 195 2.01 26.83 17.44
N VAL B 196 1.20 25.91 17.93
CA VAL B 196 -0.11 26.27 18.40
C VAL B 196 -0.39 25.72 19.80
N ARG B 197 -0.95 26.55 20.68
CA ARG B 197 -1.29 26.10 22.03
C ARG B 197 -2.73 26.47 22.39
N THR B 198 -3.57 25.46 22.57
CA THR B 198 -4.97 25.75 22.67
C THR B 198 -5.37 25.77 24.13
N ASP B 199 -6.03 26.84 24.55
CA ASP B 199 -6.66 26.91 25.87
C ASP B 199 -8.18 27.14 25.84
N VAL B 200 -8.88 26.63 26.85
CA VAL B 200 -10.30 26.85 26.99
C VAL B 200 -10.58 27.78 28.20
N GLN B 201 -11.36 28.82 27.93
CA GLN B 201 -11.65 29.87 28.90
C GLN B 201 -13.18 30.03 28.99
N GLY B 202 -13.84 29.15 29.75
CA GLY B 202 -15.30 29.01 29.65
C GLY B 202 -15.73 28.46 28.30
N THR B 203 -16.69 29.14 27.65
CA THR B 203 -17.16 28.76 26.29
C THR B 203 -16.24 29.23 25.15
N THR B 204 -15.25 30.04 25.49
CA THR B 204 -14.42 30.65 24.47
C THR B 204 -13.10 29.90 24.35
N GLY B 205 -12.68 29.63 23.13
CA GLY B 205 -11.43 28.92 22.94
C GLY B 205 -10.36 29.92 22.59
N LEU B 206 -9.20 29.84 23.24
CA LEU B 206 -8.10 30.69 22.82
C LEU B 206 -6.88 29.91 22.32
N ILE B 207 -6.16 30.49 21.37
CA ILE B 207 -4.99 29.85 20.80
C ILE B 207 -3.85 30.84 20.59
N ASP B 208 -2.63 30.39 20.88
CA ASP B 208 -1.44 31.23 20.72
C ASP B 208 -0.55 30.70 19.60
N TYR B 209 -0.57 31.37 18.46
CA TYR B 209 0.21 30.95 17.30
C TYR B 209 1.61 31.57 17.32
N ASN B 210 2.60 30.80 16.85
CA ASN B 210 3.98 31.27 16.80
C ASN B 210 4.68 30.77 15.54
N VAL B 211 4.72 31.61 14.51
CA VAL B 211 5.33 31.24 13.24
C VAL B 211 6.77 31.75 13.14
N VAL B 212 7.62 30.95 12.50
CA VAL B 212 9.01 31.32 12.29
C VAL B 212 9.37 31.25 10.81
N ALA B 213 9.45 32.42 10.17
CA ALA B 213 9.74 32.49 8.75
C ALA B 213 11.23 32.58 8.50
N SER B 214 11.63 32.53 7.24
CA SER B 214 13.05 32.49 6.90
C SER B 214 13.70 33.85 7.07
N THR B 215 13.10 34.88 6.46
CA THR B 215 13.54 36.27 6.64
C THR B 215 12.38 37.09 7.22
N THR B 216 12.68 38.33 7.60
CA THR B 216 11.75 39.13 8.41
C THR B 216 10.97 40.26 7.67
N GLN B 217 11.18 40.36 6.35
CA GLN B 217 10.47 41.37 5.53
C GLN B 217 9.00 41.01 5.33
N GLY B 218 8.24 41.95 4.80
CA GLY B 218 6.80 41.80 4.78
C GLY B 218 6.33 41.52 6.19
N THR B 219 5.10 41.02 6.31
CA THR B 219 4.48 40.84 7.61
C THR B 219 3.81 39.47 7.63
N ILE B 220 3.52 38.97 8.83
CA ILE B 220 2.87 37.67 8.90
C ILE B 220 1.39 37.87 9.16
N GLN B 221 0.57 37.15 8.41
CA GLN B 221 -0.87 37.23 8.59
C GLN B 221 -1.47 35.85 8.81
N VAL B 222 -2.54 35.84 9.61
CA VAL B 222 -3.16 34.60 10.05
C VAL B 222 -4.68 34.67 9.96
N ALA B 223 -5.26 33.71 9.26
CA ALA B 223 -6.69 33.49 9.26
C ALA B 223 -6.98 32.18 9.99
N VAL B 224 -8.14 32.10 10.62
CA VAL B 224 -8.60 30.88 11.26
C VAL B 224 -9.99 30.61 10.72
N ILE B 225 -10.10 29.52 9.96
CA ILE B 225 -11.37 29.15 9.31
C ILE B 225 -11.97 27.94 10.00
N ASP B 226 -13.30 27.97 10.16
CA ASP B 226 -14.03 26.88 10.76
C ASP B 226 -14.27 25.77 9.73
N GLU B 227 -14.95 24.70 10.15
CA GLU B 227 -15.14 23.55 9.29
C GLU B 227 -16.08 23.84 8.11
N ASP B 228 -16.76 24.99 8.15
CA ASP B 228 -17.78 25.36 7.16
C ASP B 228 -17.29 26.36 6.10
N GLY B 229 -16.02 26.75 6.18
CA GLY B 229 -15.43 27.69 5.22
C GLY B 229 -15.38 29.15 5.65
N THR B 230 -16.02 29.47 6.77
CA THR B 230 -16.16 30.87 7.18
C THR B 230 -15.06 31.29 8.21
N THR B 231 -14.24 32.31 7.90
CA THR B 231 -13.16 32.69 8.84
C THR B 231 -13.76 33.28 10.11
N VAL B 232 -13.10 33.09 11.24
CA VAL B 232 -13.78 33.17 12.54
C VAL B 232 -12.96 33.93 13.61
N ALA B 233 -11.71 34.18 13.28
CA ALA B 233 -10.85 35.13 13.99
C ALA B 233 -9.66 35.43 13.09
N THR B 234 -9.12 36.64 13.20
CA THR B 234 -7.97 37.06 12.41
C THR B 234 -6.93 37.71 13.30
N SER B 235 -5.68 37.67 12.84
CA SER B 235 -4.58 38.25 13.59
C SER B 235 -3.43 38.62 12.66
N SER B 236 -2.58 39.52 13.14
CA SER B 236 -1.41 40.00 12.41
C SER B 236 -0.17 39.90 13.31
N GLY B 237 0.97 39.55 12.74
CA GLY B 237 2.19 39.46 13.52
C GLY B 237 2.75 38.06 13.57
N SER B 238 4.08 37.95 13.60
CA SER B 238 4.79 36.66 13.64
C SER B 238 4.34 35.82 14.82
N ASN B 239 3.64 36.42 15.77
CA ASN B 239 2.82 35.64 16.69
C ASN B 239 2.03 36.52 17.64
N GLY B 240 0.90 35.98 18.10
CA GLY B 240 -0.07 36.68 18.95
C GLY B 240 -1.02 35.63 19.48
N THR B 241 -2.17 36.04 20.00
CA THR B 241 -3.13 35.11 20.65
C THR B 241 -4.55 35.39 20.20
N ILE B 242 -5.29 34.33 19.86
CA ILE B 242 -6.61 34.46 19.26
C ILE B 242 -7.69 33.88 20.19
N HIS B 243 -8.77 34.64 20.38
CA HIS B 243 -9.97 34.09 20.99
C HIS B 243 -10.93 33.60 19.90
N ILE B 244 -11.69 32.56 20.20
CA ILE B 244 -12.76 32.10 19.30
C ILE B 244 -14.05 31.99 20.07
N PRO B 245 -14.95 32.98 19.89
CA PRO B 245 -16.28 33.04 20.50
C PRO B 245 -17.02 31.72 20.33
N SER B 246 -17.61 31.22 21.43
CA SER B 246 -18.34 29.93 21.47
C SER B 246 -17.66 28.83 20.63
N VAL B 247 -16.41 28.53 20.97
CA VAL B 247 -15.54 27.67 20.17
C VAL B 247 -16.18 26.33 20.02
N HIS B 248 -15.89 25.66 18.90
CA HIS B 248 -16.18 24.23 18.78
C HIS B 248 -14.99 23.40 19.24
N LEU B 249 -15.14 22.80 20.42
CA LEU B 249 -14.09 22.01 21.01
C LEU B 249 -13.84 20.68 20.33
N TRP B 250 -12.57 20.38 20.11
CA TRP B 250 -12.10 19.02 19.84
C TRP B 250 -12.31 18.15 21.08
N GLN B 251 -13.18 17.15 20.97
CA GLN B 251 -13.50 16.24 22.06
C GLN B 251 -13.14 14.81 21.65
N PRO B 252 -12.64 14.00 22.61
CA PRO B 252 -12.32 12.60 22.38
C PRO B 252 -13.43 11.78 21.71
N GLY B 253 -14.67 12.23 21.78
CA GLY B 253 -15.74 11.51 21.09
C GLY B 253 -16.02 12.12 19.73
N ALA B 254 -15.65 13.39 19.58
CA ALA B 254 -16.18 14.23 18.51
C ALA B 254 -15.13 15.20 18.07
N ALA B 255 -14.29 14.77 17.15
CA ALA B 255 -13.22 15.59 16.59
C ALA B 255 -13.78 16.90 16.03
N TYR B 256 -13.08 18.01 16.29
CA TYR B 256 -13.34 19.24 15.58
C TYR B 256 -12.05 20.00 15.25
N LEU B 257 -11.84 20.31 13.97
CA LEU B 257 -10.57 20.88 13.56
C LEU B 257 -10.70 22.20 12.81
N TYR B 258 -10.41 23.31 13.50
CA TYR B 258 -10.21 24.60 12.85
C TYR B 258 -8.96 24.50 11.99
N GLN B 259 -8.96 25.25 10.90
CA GLN B 259 -7.81 25.33 10.05
C GLN B 259 -7.15 26.71 10.25
N LEU B 260 -5.83 26.69 10.44
CA LEU B 260 -5.09 27.93 10.65
C LEU B 260 -4.27 28.24 9.41
N HIS B 261 -4.67 29.28 8.68
CA HIS B 261 -3.89 29.74 7.53
C HIS B 261 -2.88 30.80 7.97
N ALA B 262 -1.59 30.48 7.86
CA ALA B 262 -0.56 31.44 8.17
C ALA B 262 0.14 31.81 6.88
N SER B 263 0.01 33.08 6.49
CA SER B 263 0.58 33.58 5.25
C SER B 263 1.66 34.64 5.53
N ILE B 264 2.59 34.78 4.60
CA ILE B 264 3.68 35.75 4.76
C ILE B 264 3.52 36.90 3.78
N ILE B 265 2.74 37.92 4.19
CA ILE B 265 2.51 39.09 3.35
C ILE B 265 3.80 39.85 3.10
N ASP B 266 3.84 40.59 1.99
CA ASP B 266 5.02 41.37 1.64
C ASP B 266 4.71 42.86 1.64
N SER B 267 5.70 43.66 1.26
CA SER B 267 5.54 45.11 1.21
C SER B 267 4.17 45.49 0.68
N SER B 268 3.72 44.80 -0.37
CA SER B 268 2.43 45.07 -0.98
C SER B 268 1.35 44.17 -0.38
N LYS B 269 0.21 44.08 -1.07
CA LYS B 269 -0.90 43.26 -0.61
C LYS B 269 -0.91 41.90 -1.31
N LYS B 270 0.26 41.28 -1.41
CA LYS B 270 0.38 39.98 -2.06
C LYS B 270 0.91 38.93 -1.09
N THR B 271 0.59 37.67 -1.37
CA THR B 271 1.03 36.57 -0.52
C THR B 271 2.21 35.82 -1.14
N ILE B 272 3.38 35.94 -0.51
CA ILE B 272 4.58 35.27 -1.01
C ILE B 272 4.61 33.81 -0.59
N ASP B 273 4.10 33.52 0.60
CA ASP B 273 4.07 32.15 1.12
C ASP B 273 2.83 31.92 2.01
N THR B 274 2.48 30.65 2.22
CA THR B 274 1.27 30.31 2.97
C THR B 274 1.26 28.84 3.41
N TYR B 275 0.67 28.55 4.57
CA TYR B 275 0.62 27.19 5.12
C TYR B 275 -0.73 26.94 5.79
N LYS B 276 -1.29 25.76 5.55
CA LYS B 276 -2.55 25.36 6.16
C LYS B 276 -2.24 24.40 7.30
N LEU B 277 -2.70 24.72 8.51
CA LEU B 277 -2.35 23.91 9.67
C LEU B 277 -3.58 23.67 10.52
N ALA B 278 -3.97 22.41 10.61
CA ALA B 278 -5.17 22.06 11.35
C ALA B 278 -4.89 22.10 12.85
N THR B 279 -5.75 22.76 13.62
CA THR B 279 -5.73 22.60 15.08
C THR B 279 -7.09 22.31 15.66
N GLY B 280 -7.09 21.57 16.75
CA GLY B 280 -8.29 21.33 17.50
C GLY B 280 -8.05 22.03 18.80
N ILE B 281 -9.13 22.55 19.38
CA ILE B 281 -9.04 23.29 20.61
C ILE B 281 -9.54 22.47 21.79
N ARG B 282 -8.65 22.31 22.77
CA ARG B 282 -8.70 21.25 23.77
C ARG B 282 -7.59 21.51 24.79
N THR B 283 -7.84 21.16 26.05
CA THR B 283 -6.82 21.28 27.10
C THR B 283 -6.59 19.98 27.83
N VAL B 284 -5.35 19.77 28.30
CA VAL B 284 -5.02 18.59 29.09
C VAL B 284 -4.49 18.97 30.49
N LYS B 285 -5.23 18.61 31.52
CA LYS B 285 -4.78 18.83 32.89
C LYS B 285 -4.85 17.53 33.65
N VAL B 286 -3.79 17.27 34.42
CA VAL B 286 -3.75 16.21 35.40
C VAL B 286 -3.86 16.86 36.77
N GLN B 287 -4.96 16.63 37.48
CA GLN B 287 -5.08 17.10 38.87
C GLN B 287 -5.39 15.92 39.76
N GLY B 288 -4.53 15.70 40.74
CA GLY B 288 -4.71 14.60 41.68
C GLY B 288 -4.46 13.32 40.93
N THR B 289 -5.43 12.40 40.99
CA THR B 289 -5.34 11.14 40.25
C THR B 289 -6.10 11.23 38.92
N GLN B 290 -6.41 12.45 38.48
CA GLN B 290 -7.35 12.58 37.39
C GLN B 290 -6.76 13.14 36.12
N PHE B 291 -7.22 12.61 35.00
CA PHE B 291 -6.77 13.06 33.70
C PHE B 291 -7.96 13.78 33.09
N LEU B 292 -7.86 15.09 32.93
CA LEU B 292 -9.00 15.86 32.46
C LEU B 292 -8.75 16.41 31.06
N ILE B 293 -9.65 16.08 30.16
CA ILE B 293 -9.58 16.63 28.83
C ILE B 293 -10.72 17.61 28.77
N ASN B 294 -10.36 18.89 28.58
CA ASN B 294 -11.30 20.00 28.62
C ASN B 294 -12.08 19.96 29.91
N ASP B 295 -11.35 19.80 31.02
CA ASP B 295 -11.89 19.94 32.38
C ASP B 295 -13.02 18.97 32.77
N LYS B 296 -13.10 17.84 32.08
CA LYS B 296 -13.91 16.69 32.53
C LYS B 296 -13.06 15.43 32.58
N PRO B 297 -13.24 14.62 33.65
CA PRO B 297 -12.55 13.33 33.83
C PRO B 297 -12.54 12.48 32.56
N PHE B 298 -11.43 11.83 32.28
CA PHE B 298 -11.26 11.03 31.06
C PHE B 298 -10.67 9.66 31.35
N TYR B 299 -11.09 8.67 30.57
CA TYR B 299 -10.61 7.32 30.75
C TYR B 299 -10.11 6.70 29.43
N PHE B 300 -8.82 6.43 29.34
CA PHE B 300 -8.30 5.86 28.11
C PHE B 300 -8.87 4.49 27.93
N THR B 301 -9.56 4.28 26.83
CA THR B 301 -9.81 2.92 26.37
C THR B 301 -9.02 2.74 25.09
N GLY B 302 -8.55 1.53 24.84
CA GLY B 302 -7.82 1.29 23.60
C GLY B 302 -6.65 0.35 23.71
N PHE B 303 -5.62 0.60 22.92
CA PHE B 303 -4.54 -0.35 22.75
C PHE B 303 -3.25 0.40 22.64
N GLY B 304 -2.16 -0.26 23.05
CA GLY B 304 -0.88 -0.09 22.37
C GLY B 304 -1.03 -0.73 20.99
N LYS B 305 -0.43 -0.11 19.98
CA LYS B 305 -0.50 -0.61 18.61
C LYS B 305 0.90 -0.90 18.15
N HIS B 306 1.06 -1.15 16.85
CA HIS B 306 2.37 -1.27 16.20
C HIS B 306 2.27 -0.88 14.73
N GLU B 307 3.34 -0.31 14.19
CA GLU B 307 3.45 -0.16 12.74
C GLU B 307 4.01 -1.48 12.21
N ASP B 308 3.08 -2.34 11.82
CA ASP B 308 3.39 -3.69 11.41
C ASP B 308 2.24 -4.21 10.57
N THR B 309 2.50 -4.43 9.28
CA THR B 309 1.61 -5.26 8.47
C THR B 309 2.38 -6.33 7.73
N ASN B 310 1.70 -6.97 6.78
CA ASN B 310 2.15 -8.25 6.31
C ASN B 310 3.45 -8.31 5.53
N ILE B 311 3.52 -7.61 4.40
CA ILE B 311 4.73 -7.78 3.61
C ILE B 311 5.61 -6.55 3.70
N ARG B 312 4.95 -5.41 3.81
CA ARG B 312 5.61 -4.13 3.82
C ARG B 312 6.26 -3.91 5.17
N GLY B 313 6.02 -4.83 6.11
CA GLY B 313 6.57 -4.70 7.46
C GLY B 313 6.09 -3.43 8.14
N LYS B 314 7.03 -2.58 8.53
CA LYS B 314 6.76 -1.35 9.29
C LYS B 314 6.24 -0.21 8.43
N GLY B 315 6.11 -0.48 7.13
CA GLY B 315 5.88 0.54 6.13
C GLY B 315 4.49 1.11 6.23
N HIS B 316 4.40 2.42 6.14
CA HIS B 316 3.11 3.10 6.30
C HIS B 316 2.13 2.63 5.26
N ASP B 317 0.87 2.52 5.66
CA ASP B 317 -0.14 1.98 4.79
C ASP B 317 -1.49 2.66 5.07
N ASP B 318 -1.97 3.39 4.06
CA ASP B 318 -3.19 4.19 4.12
C ASP B 318 -4.43 3.38 4.48
N ALA B 319 -4.52 2.19 3.90
CA ALA B 319 -5.71 1.38 4.04
C ALA B 319 -5.78 0.76 5.42
N TYR B 320 -4.72 0.05 5.80
CA TYR B 320 -4.63 -0.49 7.14
C TYR B 320 -4.75 0.60 8.19
N MET B 321 -4.25 1.79 7.90
CA MET B 321 -4.51 2.91 8.80
C MET B 321 -6.00 3.12 8.95
N VAL B 322 -6.69 3.37 7.85
CA VAL B 322 -8.10 3.74 7.93
C VAL B 322 -8.90 2.63 8.57
N HIS B 323 -8.67 1.39 8.14
CA HIS B 323 -9.34 0.23 8.71
C HIS B 323 -9.06 0.12 10.22
N ASP B 324 -7.80 0.13 10.62
CA ASP B 324 -7.45 0.09 12.04
C ASP B 324 -8.36 1.03 12.90
N PHE B 325 -8.38 2.33 12.55
CA PHE B 325 -9.23 3.29 13.26
C PHE B 325 -10.71 2.89 13.21
N GLN B 326 -11.14 2.39 12.06
CA GLN B 326 -12.52 1.96 11.93
C GLN B 326 -12.77 0.83 12.89
N LEU B 327 -11.74 0.05 13.17
CA LEU B 327 -11.86 -0.99 14.17
C LEU B 327 -11.85 -0.45 15.62
N LEU B 328 -11.16 0.66 15.86
CA LEU B 328 -11.30 1.31 17.16
C LEU B 328 -12.73 1.77 17.33
N HIS B 329 -13.29 2.33 16.27
CA HIS B 329 -14.64 2.85 16.39
C HIS B 329 -15.61 1.72 16.60
N TRP B 330 -15.45 0.66 15.80
CA TRP B 330 -16.27 -0.53 15.91
C TRP B 330 -16.37 -1.03 17.33
N MET B 331 -15.26 -1.00 18.06
CA MET B 331 -15.21 -1.60 19.38
C MET B 331 -15.24 -0.58 20.51
N GLY B 332 -15.42 0.69 20.16
CA GLY B 332 -15.60 1.72 21.18
C GLY B 332 -14.33 2.19 21.84
N ALA B 333 -13.18 1.84 21.26
CA ALA B 333 -11.87 2.33 21.74
C ALA B 333 -11.81 3.83 21.52
N ASN B 334 -11.00 4.53 22.31
CA ASN B 334 -10.92 5.97 22.18
C ASN B 334 -9.51 6.50 22.14
N SER B 335 -8.54 5.60 22.16
CA SER B 335 -7.15 6.02 22.39
C SER B 335 -6.17 4.95 21.97
N PHE B 336 -4.88 5.31 21.92
CA PHE B 336 -3.86 4.31 21.76
C PHE B 336 -2.47 4.84 22.02
N ARG B 337 -1.50 3.95 21.99
CA ARG B 337 -0.17 4.40 22.30
C ARG B 337 0.76 4.03 21.16
N THR B 338 1.54 4.99 20.67
CA THR B 338 2.41 4.79 19.52
C THR B 338 3.56 3.88 19.92
N SER B 339 3.22 2.62 20.18
CA SER B 339 4.15 1.68 20.79
C SER B 339 5.54 1.69 20.18
N HIS B 340 6.45 2.20 21.02
CA HIS B 340 7.89 2.00 21.03
C HIS B 340 8.61 2.74 19.89
N TYR B 341 7.86 3.66 19.30
CA TYR B 341 8.35 4.62 18.32
C TYR B 341 7.20 5.57 17.93
N PRO B 342 7.50 6.86 17.65
CA PRO B 342 6.46 7.66 17.00
C PRO B 342 6.06 7.02 15.65
N TYR B 343 4.76 6.96 15.38
CA TYR B 343 4.34 6.42 14.09
C TYR B 343 4.44 7.50 13.02
N ALA B 344 4.00 7.19 11.81
CA ALA B 344 4.06 8.15 10.70
C ALA B 344 3.22 9.42 10.95
N GLU B 345 3.65 10.54 10.40
CA GLU B 345 3.06 11.83 10.72
C GLU B 345 1.59 11.82 10.40
N GLU B 346 1.26 11.23 9.26
CA GLU B 346 -0.11 11.25 8.74
C GLU B 346 -1.11 10.52 9.63
N VAL B 347 -0.61 9.59 10.44
CA VAL B 347 -1.46 8.88 11.40
C VAL B 347 -1.93 9.82 12.49
N MET B 348 -1.03 10.68 12.92
CA MET B 348 -1.34 11.63 13.95
C MET B 348 -2.34 12.65 13.42
N GLU B 349 -2.09 13.10 12.19
CA GLU B 349 -3.05 13.95 11.50
C GLU B 349 -4.39 13.20 11.47
N TYR B 350 -4.40 11.98 10.97
CA TYR B 350 -5.65 11.23 10.88
C TYR B 350 -6.37 11.10 12.23
N ALA B 351 -5.62 10.83 13.29
CA ALA B 351 -6.20 10.73 14.63
C ALA B 351 -6.93 12.01 15.00
N ASP B 352 -6.35 13.15 14.64
CA ASP B 352 -6.97 14.47 14.83
C ASP B 352 -8.35 14.48 14.18
N ARG B 353 -8.41 14.14 12.90
CA ARG B 353 -9.67 14.14 12.18
C ARG B 353 -10.62 13.11 12.78
N GLN B 354 -10.06 12.11 13.45
CA GLN B 354 -10.85 10.95 13.90
C GLN B 354 -11.35 11.03 15.34
N GLY B 355 -10.89 12.06 16.07
CA GLY B 355 -11.19 12.19 17.50
C GLY B 355 -10.58 11.11 18.37
N ILE B 356 -9.42 10.58 17.97
CA ILE B 356 -8.80 9.52 18.74
C ILE B 356 -7.65 10.12 19.51
N VAL B 357 -7.58 9.81 20.80
CA VAL B 357 -6.53 10.37 21.67
C VAL B 357 -5.23 9.55 21.59
N VAL B 358 -4.09 10.21 21.64
CA VAL B 358 -2.83 9.52 21.42
C VAL B 358 -1.83 9.74 22.55
N ILE B 359 -1.19 8.64 22.98
CA ILE B 359 0.01 8.72 23.83
C ILE B 359 1.22 8.53 22.94
N ASP B 360 2.00 9.61 22.78
CA ASP B 360 3.11 9.64 21.85
C ASP B 360 4.36 9.15 22.55
N GLU B 361 4.89 8.02 22.08
CA GLU B 361 6.05 7.41 22.72
C GLU B 361 7.26 7.55 21.83
N THR B 362 8.43 7.73 22.46
CA THR B 362 9.72 7.83 21.76
C THR B 362 10.20 6.45 21.34
N PRO B 363 11.29 6.39 20.58
CA PRO B 363 11.64 5.04 20.19
C PRO B 363 12.43 4.26 21.25
N ALA B 364 12.47 4.76 22.47
CA ALA B 364 13.32 4.21 23.51
C ALA B 364 12.78 2.97 24.29
N VAL B 365 12.90 1.80 23.69
CA VAL B 365 12.67 0.53 24.41
C VAL B 365 13.96 -0.18 24.66
N GLY B 366 13.90 -1.23 25.48
CA GLY B 366 15.03 -2.11 25.69
C GLY B 366 16.23 -1.45 26.33
N LEU B 367 15.98 -0.46 27.19
CA LEU B 367 17.00 0.05 28.12
C LEU B 367 16.98 -0.86 29.35
N ALA B 368 17.26 -2.13 29.14
CA ALA B 368 17.07 -3.14 30.15
C ALA B 368 17.79 -4.38 29.74
N PHE B 369 18.66 -4.90 30.61
CA PHE B 369 19.41 -6.13 30.35
C PHE B 369 19.10 -7.29 31.34
N SER B 370 17.79 -7.54 31.54
CA SER B 370 17.30 -8.73 32.28
C SER B 370 16.36 -9.67 31.46
N PRO B 381 22.97 -8.42 33.78
CA PRO B 381 24.05 -7.40 33.92
C PRO B 381 23.53 -5.96 34.23
N ALA B 382 24.39 -5.11 34.79
CA ALA B 382 23.99 -3.74 35.18
C ALA B 382 23.83 -2.83 33.95
N THR B 383 22.61 -2.31 33.76
CA THR B 383 22.22 -1.71 32.48
C THR B 383 22.59 -0.23 32.31
N PHE B 384 22.69 0.49 33.43
CA PHE B 384 23.04 1.89 33.39
C PHE B 384 24.48 2.12 33.83
N SER B 385 25.40 2.11 32.87
CA SER B 385 26.81 2.30 33.16
C SER B 385 27.57 2.81 31.94
N PRO B 386 28.87 3.01 32.09
CA PRO B 386 29.70 3.51 30.98
C PRO B 386 29.93 2.44 29.92
N ASP B 387 29.14 1.36 29.98
CA ASP B 387 29.27 0.28 29.01
C ASP B 387 28.00 0.13 28.19
N ARG B 388 26.89 -0.18 28.86
CA ARG B 388 25.61 -0.35 28.19
C ARG B 388 24.98 0.99 27.84
N ILE B 389 24.26 1.57 28.79
CA ILE B 389 23.61 2.86 28.58
C ILE B 389 24.30 3.96 29.37
N ASN B 390 25.08 4.78 28.69
CA ASN B 390 25.80 5.88 29.32
C ASN B 390 25.24 7.25 28.94
N ASN B 391 26.01 8.30 29.23
CA ASN B 391 25.59 9.66 28.91
C ASN B 391 25.36 9.79 27.43
N LYS B 392 26.24 9.19 26.65
CA LYS B 392 26.12 9.24 25.21
C LYS B 392 24.78 8.67 24.75
N THR B 393 24.36 7.54 25.32
CA THR B 393 23.05 7.00 25.04
C THR B 393 22.00 8.02 25.41
N ARG B 394 22.20 8.67 26.56
CA ARG B 394 21.24 9.63 27.09
C ARG B 394 21.17 10.89 26.25
N GLU B 395 22.29 11.28 25.65
CA GLU B 395 22.28 12.31 24.60
C GLU B 395 21.26 11.93 23.52
N ALA B 396 21.47 10.78 22.88
CA ALA B 396 20.58 10.35 21.81
C ALA B 396 19.11 10.26 22.25
N HIS B 397 18.88 9.86 23.51
CA HIS B 397 17.52 9.78 24.07
C HIS B 397 16.87 11.17 24.13
N ALA B 398 17.65 12.18 24.49
CA ALA B 398 17.13 13.56 24.56
C ALA B 398 16.90 14.09 23.15
N GLN B 399 17.73 13.65 22.21
CA GLN B 399 17.54 14.05 20.83
C GLN B 399 16.21 13.56 20.28
N ALA B 400 15.84 12.34 20.61
CA ALA B 400 14.59 11.82 20.12
C ALA B 400 13.40 12.56 20.73
N ILE B 401 13.53 12.98 21.99
CA ILE B 401 12.47 13.75 22.61
C ILE B 401 12.32 15.05 21.85
N ARG B 402 13.45 15.66 21.49
CA ARG B 402 13.45 16.93 20.78
C ARG B 402 12.71 16.79 19.46
N GLU B 403 13.08 15.75 18.70
CA GLU B 403 12.58 15.58 17.37
C GLU B 403 11.16 15.09 17.39
N LEU B 404 10.83 14.24 18.38
CA LEU B 404 9.45 13.80 18.50
C LEU B 404 8.54 15.00 18.75
N ILE B 405 8.82 15.73 19.82
CA ILE B 405 8.02 16.88 20.23
C ILE B 405 7.98 18.00 19.18
N HIS B 406 9.12 18.28 18.55
CA HIS B 406 9.18 19.28 17.48
C HIS B 406 8.20 19.00 16.33
N ARG B 407 8.14 17.74 15.93
CA ARG B 407 7.27 17.28 14.87
C ARG B 407 5.80 17.27 15.28
N ASP B 408 5.49 16.85 16.50
CA ASP B 408 4.12 16.48 16.87
C ASP B 408 3.40 17.43 17.79
N LYS B 409 4.12 18.42 18.31
CA LYS B 409 3.58 19.41 19.26
C LYS B 409 2.14 19.89 18.99
N ASN B 410 1.77 19.96 17.70
CA ASN B 410 0.55 20.62 17.27
C ASN B 410 -0.72 19.79 17.38
N HIS B 411 -0.60 18.47 17.49
CA HIS B 411 -1.75 17.58 17.31
C HIS B 411 -2.73 17.54 18.50
N PRO B 412 -4.00 17.95 18.29
CA PRO B 412 -4.96 17.84 19.38
C PRO B 412 -5.10 16.40 19.85
N SER B 413 -4.82 15.45 18.97
CA SER B 413 -4.95 14.06 19.34
C SER B 413 -3.86 13.64 20.32
N VAL B 414 -2.65 14.17 20.19
CA VAL B 414 -1.56 13.84 21.11
C VAL B 414 -1.83 14.47 22.45
N VAL B 415 -1.77 13.68 23.50
CA VAL B 415 -2.29 14.11 24.79
C VAL B 415 -1.28 13.83 25.92
N MET B 416 -0.30 12.99 25.62
CA MET B 416 0.76 12.71 26.56
C MET B 416 1.99 12.23 25.82
N TRP B 417 3.17 12.60 26.31
CA TRP B 417 4.42 12.03 25.80
C TRP B 417 4.84 10.87 26.68
N SER B 418 5.43 9.86 26.06
CA SER B 418 5.89 8.69 26.77
C SER B 418 7.37 8.56 26.48
N ILE B 419 8.17 8.73 27.54
CA ILE B 419 9.61 8.87 27.41
C ILE B 419 10.32 7.60 26.97
N ALA B 420 9.81 6.45 27.44
CA ALA B 420 10.41 5.14 27.17
C ALA B 420 9.47 4.05 27.63
N ASN B 421 9.62 2.88 27.02
CA ASN B 421 8.88 1.70 27.46
C ASN B 421 9.80 0.80 28.28
N GLU B 422 9.26 0.28 29.38
CA GLU B 422 9.90 -0.80 30.16
C GLU B 422 11.41 -0.67 30.35
N PRO B 423 11.89 0.51 30.76
CA PRO B 423 13.30 0.61 31.15
C PRO B 423 13.46 0.02 32.54
N ALA B 424 14.69 -0.35 32.88
CA ALA B 424 15.01 -0.87 34.23
C ALA B 424 14.94 0.26 35.22
N SER B 425 13.73 0.73 35.52
CA SER B 425 13.52 1.85 36.43
C SER B 425 13.73 1.48 37.89
N ASN B 426 14.38 0.36 38.14
CA ASN B 426 14.53 -0.18 39.48
C ASN B 426 16.01 -0.44 39.81
N GLU B 427 16.87 -0.29 38.81
CA GLU B 427 18.30 -0.50 38.97
C GLU B 427 18.97 0.80 39.33
N ASP B 428 20.18 0.71 39.87
CA ASP B 428 20.97 1.92 40.10
C ASP B 428 21.29 2.55 38.75
N GLY B 429 21.45 3.86 38.73
CA GLY B 429 21.80 4.55 37.49
C GLY B 429 20.56 5.03 36.75
N ALA B 430 19.48 4.25 36.86
CA ALA B 430 18.17 4.58 36.29
C ALA B 430 17.74 6.01 36.60
N ARG B 431 17.82 6.37 37.87
CA ARG B 431 17.47 7.73 38.25
C ARG B 431 18.36 8.84 37.63
N GLU B 432 19.68 8.69 37.70
CA GLU B 432 20.54 9.73 37.12
C GLU B 432 20.32 9.83 35.64
N TYR B 433 19.96 8.72 35.02
CA TYR B 433 19.73 8.67 33.57
C TYR B 433 18.50 9.46 33.16
N PHE B 434 17.37 9.17 33.81
CA PHE B 434 16.11 9.72 33.37
C PHE B 434 15.88 11.17 33.82
N ALA B 435 16.51 11.55 34.91
CA ALA B 435 16.21 12.83 35.56
C ALA B 435 16.01 13.95 34.54
N PRO B 436 17.02 14.20 33.69
CA PRO B 436 16.90 15.35 32.83
C PRO B 436 15.74 15.28 31.83
N LEU B 437 15.22 14.07 31.57
CA LEU B 437 14.42 13.83 30.37
C LEU B 437 13.02 14.40 30.47
N PRO B 438 12.26 14.01 31.49
CA PRO B 438 10.93 14.64 31.55
C PRO B 438 10.99 16.18 31.77
N LYS B 439 11.98 16.67 32.51
CA LYS B 439 12.19 18.12 32.58
C LYS B 439 12.28 18.66 31.16
N LEU B 440 13.10 18.03 30.33
CA LEU B 440 13.29 18.45 28.94
C LEU B 440 11.97 18.53 28.26
N ALA B 441 11.22 17.43 28.30
CA ALA B 441 9.89 17.40 27.71
C ALA B 441 9.02 18.57 28.17
N ARG B 442 8.85 18.76 29.48
CA ARG B 442 7.92 19.79 29.94
C ARG B 442 8.40 21.16 29.49
N GLN B 443 9.70 21.28 29.26
CA GLN B 443 10.26 22.54 28.80
C GLN B 443 9.91 22.76 27.33
N LEU B 444 10.00 21.71 26.55
CA LEU B 444 9.65 21.80 25.13
C LEU B 444 8.16 21.91 24.89
N ASP B 445 7.35 21.31 25.76
CA ASP B 445 5.89 21.41 25.62
C ASP B 445 5.19 21.31 26.96
N PRO B 446 4.92 22.48 27.56
CA PRO B 446 4.18 22.66 28.80
C PRO B 446 2.73 22.19 28.77
N THR B 447 2.14 22.05 27.57
CA THR B 447 0.71 21.81 27.43
C THR B 447 0.27 20.37 27.73
N ARG B 448 1.22 19.47 27.91
CA ARG B 448 0.91 18.04 28.07
C ARG B 448 1.66 17.40 29.22
N PRO B 449 1.04 16.40 29.88
CA PRO B 449 1.71 15.66 30.93
C PRO B 449 2.72 14.67 30.35
N VAL B 450 3.65 14.23 31.16
CA VAL B 450 4.71 13.33 30.69
C VAL B 450 4.73 12.03 31.50
N THR B 451 5.10 10.94 30.83
CA THR B 451 5.11 9.61 31.41
C THR B 451 6.16 8.73 30.77
N PHE B 452 6.23 7.49 31.25
CA PHE B 452 6.94 6.36 30.63
C PHE B 452 6.16 5.13 31.05
N ALA B 453 6.29 4.03 30.31
CA ALA B 453 5.54 2.82 30.64
C ALA B 453 6.38 1.95 31.56
N ASN B 454 5.86 1.74 32.78
CA ASN B 454 6.57 0.98 33.84
C ASN B 454 6.56 -0.54 33.67
N VAL B 455 7.75 -1.16 33.79
CA VAL B 455 7.85 -2.63 33.75
C VAL B 455 7.41 -3.30 35.07
N GLY B 456 7.12 -4.59 34.97
CA GLY B 456 6.65 -5.41 36.10
C GLY B 456 7.54 -5.47 37.32
N LEU B 457 8.84 -5.72 37.08
CA LEU B 457 9.87 -5.76 38.14
C LEU B 457 9.95 -4.45 38.92
N ALA B 458 9.92 -3.34 38.20
CA ALA B 458 9.87 -2.05 38.83
C ALA B 458 8.53 -1.92 39.54
N THR B 459 8.42 -2.53 40.71
CA THR B 459 7.21 -2.44 41.51
C THR B 459 7.13 -1.07 42.14
N TYR B 460 6.11 -0.88 42.94
CA TYR B 460 5.86 0.41 43.52
C TYR B 460 6.87 0.60 44.62
N LYS B 461 7.48 -0.49 45.05
CA LYS B 461 8.60 -0.43 45.99
C LYS B 461 9.91 -0.20 45.24
N ALA B 462 10.17 -1.09 44.27
CA ALA B 462 11.48 -1.17 43.60
C ALA B 462 11.80 0.02 42.70
N ASP B 463 10.78 0.53 42.00
CA ASP B 463 10.95 1.62 41.02
C ASP B 463 11.53 2.84 41.68
N ARG B 464 12.48 3.49 41.02
CA ARG B 464 13.03 4.74 41.54
C ARG B 464 12.99 5.93 40.59
N ILE B 465 12.08 5.89 39.61
CA ILE B 465 11.96 6.92 38.58
C ILE B 465 10.63 7.64 38.64
N ALA B 466 9.61 6.93 39.11
CA ALA B 466 8.21 7.27 38.84
C ALA B 466 7.74 8.65 39.33
N ASP B 467 8.19 9.06 40.52
CA ASP B 467 7.86 10.37 41.08
C ASP B 467 8.15 11.54 40.12
N LEU B 468 9.08 11.33 39.20
CA LEU B 468 9.51 12.39 38.29
C LEU B 468 8.58 12.55 37.08
N PHE B 469 7.49 11.80 37.06
CA PHE B 469 6.59 11.77 35.93
C PHE B 469 5.15 12.11 36.33
N ASP B 470 4.40 12.69 35.40
CA ASP B 470 3.09 13.23 35.71
C ASP B 470 2.03 12.14 35.91
N VAL B 471 1.98 11.17 34.99
CA VAL B 471 0.97 10.09 34.97
C VAL B 471 1.73 8.76 35.11
N LEU B 472 1.09 7.77 35.75
CA LEU B 472 1.71 6.44 35.90
C LEU B 472 1.21 5.43 34.88
N CYS B 473 2.11 5.00 34.00
CA CYS B 473 1.79 4.02 32.99
C CYS B 473 2.43 2.69 33.33
N LEU B 474 1.61 1.67 33.53
CA LEU B 474 2.11 0.35 33.87
C LEU B 474 1.66 -0.70 32.85
N ASN B 475 2.30 -1.86 32.87
CA ASN B 475 1.97 -2.94 31.96
C ASN B 475 2.12 -4.31 32.61
N ARG B 476 1.27 -4.59 33.58
CA ARG B 476 1.31 -5.87 34.29
C ARG B 476 0.81 -7.11 33.56
N TYR B 477 1.57 -8.19 33.62
CA TYR B 477 1.21 -9.44 32.96
C TYR B 477 1.33 -10.62 33.93
N PHE B 478 0.68 -10.51 35.09
CA PHE B 478 0.71 -11.57 36.09
C PHE B 478 0.07 -12.85 35.55
N GLY B 479 -1.24 -12.80 35.32
CA GLY B 479 -1.96 -13.94 34.82
C GLY B 479 -1.23 -14.65 33.69
N TRP B 480 -0.19 -14.00 33.19
CA TRP B 480 0.60 -14.57 32.10
C TRP B 480 1.92 -15.14 32.62
N TYR B 481 2.76 -14.27 33.17
CA TYR B 481 4.05 -14.69 33.70
C TYR B 481 3.90 -15.24 35.12
N THR B 482 3.63 -14.36 36.06
CA THR B 482 3.45 -14.75 37.46
C THR B 482 2.54 -15.80 38.07
N GLN B 483 1.24 -15.67 37.81
CA GLN B 483 0.25 -16.61 38.33
C GLN B 483 -0.17 -17.17 36.98
N THR B 484 0.77 -17.82 36.29
CA THR B 484 0.51 -18.39 34.97
C THR B 484 -0.65 -19.37 35.00
N ALA B 485 -1.81 -18.94 34.53
CA ALA B 485 -2.99 -19.80 34.46
C ALA B 485 -3.71 -19.89 35.80
N GLU B 486 -3.33 -19.03 36.74
CA GLU B 486 -3.95 -19.02 38.05
C GLU B 486 -4.58 -17.65 38.28
N LEU B 487 -5.78 -17.47 37.71
CA LEU B 487 -6.36 -16.13 37.62
C LEU B 487 -6.80 -15.56 38.96
N ASP B 488 -7.35 -16.43 39.80
CA ASP B 488 -7.68 -16.06 41.17
C ASP B 488 -6.45 -15.53 41.90
N GLU B 489 -5.31 -16.22 41.72
CA GLU B 489 -4.04 -15.81 42.32
C GLU B 489 -3.51 -14.52 41.74
N ALA B 490 -3.61 -14.41 40.42
CA ALA B 490 -3.19 -13.21 39.72
C ALA B 490 -4.02 -11.99 40.12
N GLU B 491 -5.32 -12.19 40.32
CA GLU B 491 -6.19 -11.12 40.76
C GLU B 491 -5.61 -10.48 42.00
N ALA B 492 -5.21 -11.30 42.96
CA ALA B 492 -4.64 -10.82 44.21
C ALA B 492 -3.33 -10.06 44.01
N ALA B 493 -2.40 -10.65 43.28
CA ALA B 493 -1.11 -10.00 43.04
C ALA B 493 -1.29 -8.69 42.28
N LEU B 494 -2.33 -8.65 41.44
CA LEU B 494 -2.70 -7.44 40.74
C LEU B 494 -3.20 -6.36 41.69
N GLU B 495 -4.22 -6.66 42.50
CA GLU B 495 -4.72 -5.59 43.36
C GLU B 495 -3.71 -5.17 44.39
N GLU B 496 -2.80 -6.09 44.73
CA GLU B 496 -1.74 -5.79 45.66
C GLU B 496 -0.88 -4.65 45.12
N GLU B 497 -0.47 -4.78 43.86
CA GLU B 497 0.31 -3.75 43.20
C GLU B 497 -0.46 -2.42 43.07
N LEU B 498 -1.74 -2.49 42.81
CA LEU B 498 -2.50 -1.27 42.63
C LEU B 498 -2.73 -0.49 43.94
N ARG B 499 -2.96 -1.21 45.05
CA ARG B 499 -2.93 -0.59 46.38
C ARG B 499 -1.61 0.15 46.55
N GLY B 500 -0.52 -0.59 46.36
CA GLY B 500 0.83 -0.05 46.45
C GLY B 500 1.03 1.29 45.78
N TRP B 501 0.71 1.37 44.49
CA TRP B 501 0.92 2.59 43.71
C TRP B 501 -0.02 3.70 44.13
N THR B 502 -1.32 3.40 44.25
CA THR B 502 -2.31 4.42 44.62
C THR B 502 -2.10 4.93 46.07
N GLU B 503 -1.65 4.03 46.93
CA GLU B 503 -1.22 4.36 48.29
C GLU B 503 0.01 5.28 48.33
N LYS B 504 0.94 5.10 47.40
CA LYS B 504 2.26 5.76 47.43
C LYS B 504 2.35 7.10 46.66
N TYR B 505 1.57 7.20 45.59
CA TYR B 505 1.63 8.33 44.67
C TYR B 505 0.26 8.92 44.47
N ASP B 506 0.22 10.26 44.39
CA ASP B 506 -1.03 10.94 44.06
C ASP B 506 -1.05 11.33 42.59
N LYS B 507 -1.19 10.30 41.74
CA LYS B 507 -1.30 10.50 40.30
C LYS B 507 -2.27 9.52 39.68
N PRO B 508 -2.74 9.82 38.46
CA PRO B 508 -3.52 8.89 37.65
C PRO B 508 -2.73 7.66 37.15
N ILE B 509 -3.39 6.51 37.21
CA ILE B 509 -2.80 5.26 36.79
C ILE B 509 -3.52 4.75 35.57
N VAL B 510 -2.73 4.48 34.53
CA VAL B 510 -3.21 3.87 33.29
C VAL B 510 -2.46 2.55 33.03
N MET B 511 -3.17 1.43 32.96
CA MET B 511 -2.58 0.19 32.48
C MET B 511 -2.17 0.37 31.04
N THR B 512 -0.93 0.80 30.85
CA THR B 512 -0.42 1.03 29.50
C THR B 512 -0.47 -0.20 28.65
N GLU B 513 -0.02 -1.34 29.18
CA GLU B 513 -0.28 -2.61 28.52
C GLU B 513 -0.63 -3.75 29.48
N TYR B 514 -1.17 -4.83 28.91
CA TYR B 514 -1.72 -5.98 29.66
C TYR B 514 -2.49 -6.93 28.74
N GLY B 515 -2.52 -8.20 29.09
CA GLY B 515 -3.17 -9.22 28.25
C GLY B 515 -2.28 -10.41 27.96
N ALA B 516 -2.87 -11.49 27.46
CA ALA B 516 -2.12 -12.72 27.15
C ALA B 516 -2.10 -13.13 25.66
N ASP B 517 -1.03 -13.82 25.24
CA ASP B 517 -0.93 -14.32 23.85
C ASP B 517 -2.12 -15.20 23.54
N THR B 518 -2.48 -15.33 22.26
CA THR B 518 -3.60 -16.18 21.87
C THR B 518 -3.56 -16.55 20.40
N VAL B 519 -3.72 -17.84 20.12
CA VAL B 519 -3.81 -18.36 18.75
C VAL B 519 -5.26 -18.42 18.27
N ALA B 520 -5.58 -17.59 17.27
CA ALA B 520 -6.93 -17.60 16.67
C ALA B 520 -7.32 -19.03 16.30
N GLY B 521 -8.50 -19.44 16.72
CA GLY B 521 -8.93 -20.76 16.38
C GLY B 521 -8.68 -21.72 17.52
N LEU B 522 -7.75 -21.37 18.42
CA LEU B 522 -7.44 -22.26 19.53
C LEU B 522 -8.45 -22.00 20.61
N HIS B 523 -9.12 -23.07 21.05
CA HIS B 523 -10.30 -22.93 21.93
C HIS B 523 -10.31 -23.88 23.13
N SER B 524 -10.94 -23.45 24.20
CA SER B 524 -11.01 -24.25 25.42
C SER B 524 -12.04 -23.68 26.41
N VAL B 525 -12.71 -24.57 27.13
CA VAL B 525 -13.71 -24.16 28.10
C VAL B 525 -13.10 -24.00 29.49
N MET B 526 -11.91 -24.58 29.68
CA MET B 526 -11.23 -24.48 30.96
C MET B 526 -10.12 -23.43 30.93
N VAL B 527 -9.34 -23.36 32.00
CA VAL B 527 -8.26 -22.40 32.09
C VAL B 527 -7.02 -22.88 31.34
N THR B 528 -6.95 -22.55 30.06
CA THR B 528 -5.82 -22.95 29.23
C THR B 528 -5.29 -21.78 28.41
N PRO B 529 -4.04 -21.38 28.69
CA PRO B 529 -3.42 -20.27 27.98
C PRO B 529 -3.31 -20.53 26.49
N TRP B 530 -3.19 -19.46 25.70
CA TRP B 530 -3.09 -19.59 24.25
C TRP B 530 -4.42 -19.93 23.55
N SER B 531 -5.49 -20.07 24.33
CA SER B 531 -6.85 -20.25 23.80
C SER B 531 -7.53 -18.88 23.82
N GLU B 532 -8.39 -18.63 22.83
CA GLU B 532 -9.14 -17.38 22.75
C GLU B 532 -9.86 -17.07 24.05
N GLU B 533 -10.44 -18.11 24.65
CA GLU B 533 -11.16 -18.03 25.92
C GLU B 533 -10.31 -17.51 27.06
N PHE B 534 -9.07 -17.98 27.14
CA PHE B 534 -8.24 -17.60 28.25
C PHE B 534 -7.99 -16.13 28.17
N GLN B 535 -7.83 -15.61 26.96
CA GLN B 535 -7.56 -14.18 26.82
C GLN B 535 -8.72 -13.31 27.33
N VAL B 536 -9.93 -13.75 27.04
CA VAL B 536 -11.13 -13.02 27.41
C VAL B 536 -11.15 -12.98 28.92
N GLU B 537 -10.90 -14.12 29.55
CA GLU B 537 -10.93 -14.26 31.01
C GLU B 537 -9.90 -13.40 31.71
N MET B 538 -8.68 -13.31 31.16
CA MET B 538 -7.65 -12.47 31.77
C MET B 538 -8.01 -11.00 31.64
N LEU B 539 -8.35 -10.61 30.42
CA LEU B 539 -8.68 -9.23 30.16
C LEU B 539 -9.80 -8.81 31.11
N ASP B 540 -10.84 -9.65 31.16
CA ASP B 540 -12.00 -9.43 32.02
C ASP B 540 -11.69 -9.21 33.48
N MET B 541 -10.93 -10.14 34.05
CA MET B 541 -10.68 -10.13 35.47
C MET B 541 -9.89 -8.89 35.84
N TYR B 542 -9.00 -8.47 34.94
CA TYR B 542 -8.34 -7.19 35.05
C TYR B 542 -9.32 -6.03 35.13
N HIS B 543 -10.30 -5.99 34.21
CA HIS B 543 -11.33 -4.94 34.26
C HIS B 543 -12.10 -4.95 35.56
N ARG B 544 -12.48 -6.12 36.05
CA ARG B 544 -13.08 -6.18 37.38
C ARG B 544 -12.25 -5.43 38.45
N VAL B 545 -10.94 -5.60 38.40
CA VAL B 545 -10.04 -5.03 39.39
C VAL B 545 -9.88 -3.53 39.10
N PHE B 546 -9.73 -3.14 37.83
CA PHE B 546 -9.65 -1.71 37.47
C PHE B 546 -10.85 -0.90 37.96
N ASP B 547 -12.03 -1.51 37.90
CA ASP B 547 -13.26 -0.84 38.26
C ASP B 547 -13.38 -0.61 39.76
N ARG B 548 -12.58 -1.36 40.52
CA ARG B 548 -12.54 -1.22 41.96
C ARG B 548 -11.54 -0.16 42.38
N PHE B 549 -10.61 0.21 41.50
CA PHE B 549 -9.64 1.23 41.90
C PHE B 549 -9.97 2.60 41.34
N GLU B 550 -10.25 3.54 42.25
CA GLU B 550 -10.72 4.89 41.90
C GLU B 550 -9.58 5.72 41.28
N ALA B 551 -8.34 5.25 41.41
CA ALA B 551 -7.20 5.98 40.89
C ALA B 551 -6.95 5.70 39.41
N MET B 552 -7.74 4.82 38.82
CA MET B 552 -7.47 4.37 37.46
C MET B 552 -7.91 5.41 36.44
N ALA B 553 -7.09 5.60 35.40
CA ALA B 553 -7.32 6.63 34.39
C ALA B 553 -7.55 6.09 33.00
N GLY B 554 -7.32 4.79 32.83
CA GLY B 554 -7.44 4.17 31.52
C GLY B 554 -6.80 2.81 31.38
N GLU B 555 -7.26 2.07 30.37
CA GLU B 555 -6.83 0.72 30.11
C GLU B 555 -6.46 0.61 28.63
N GLN B 556 -5.27 0.13 28.34
CA GLN B 556 -4.91 -0.14 26.97
C GLN B 556 -4.38 -1.56 26.87
N VAL B 557 -5.14 -2.42 26.19
CA VAL B 557 -4.81 -3.84 26.04
C VAL B 557 -3.56 -3.99 25.22
N TRP B 558 -2.74 -5.01 25.55
CA TRP B 558 -1.51 -5.22 24.80
C TRP B 558 -1.57 -6.17 23.63
N ASN B 559 -2.54 -5.92 22.76
CA ASN B 559 -2.16 -5.38 21.46
C ASN B 559 -3.28 -5.22 20.50
N PHE B 560 -3.11 -4.31 19.55
CA PHE B 560 -4.19 -4.10 18.64
C PHE B 560 -4.22 -5.38 17.84
N ALA B 561 -3.06 -5.79 17.36
CA ALA B 561 -3.00 -6.91 16.45
C ALA B 561 -1.73 -7.64 16.67
N ASP B 562 -1.67 -8.87 16.21
CA ASP B 562 -0.43 -9.64 16.24
C ASP B 562 0.63 -8.95 15.39
N PHE B 563 1.87 -9.03 15.83
CA PHE B 563 2.97 -8.42 15.11
C PHE B 563 4.21 -9.27 15.16
N GLN B 564 5.03 -9.16 14.12
CA GLN B 564 6.27 -9.93 14.03
C GLN B 564 7.28 -9.44 15.04
N THR B 565 8.10 -10.38 15.49
CA THR B 565 9.11 -10.10 16.51
C THR B 565 10.38 -10.78 16.08
N ALA B 566 11.45 -10.46 16.81
CA ALA B 566 12.66 -11.25 16.83
C ALA B 566 12.32 -12.72 17.02
N VAL B 567 12.99 -13.56 16.25
CA VAL B 567 12.81 -15.01 16.31
C VAL B 567 13.03 -15.63 17.71
N GLY B 568 12.07 -16.39 18.19
CA GLY B 568 12.17 -16.94 19.55
C GLY B 568 11.40 -18.23 19.72
N VAL B 569 11.88 -19.12 20.58
CA VAL B 569 11.22 -20.41 20.79
C VAL B 569 9.93 -20.23 21.57
N SER B 570 9.74 -19.03 22.10
CA SER B 570 8.58 -18.70 22.91
C SER B 570 7.66 -17.76 22.15
N ARG B 571 8.09 -17.33 20.96
CA ARG B 571 7.29 -16.44 20.12
C ARG B 571 6.80 -17.20 18.88
N VAL B 572 5.50 -17.49 18.83
CA VAL B 572 4.94 -18.22 17.68
C VAL B 572 4.81 -17.33 16.42
N ASP B 573 5.89 -17.25 15.65
CA ASP B 573 5.96 -16.41 14.45
C ASP B 573 5.60 -14.98 14.78
N GLY B 574 6.15 -14.46 15.87
CA GLY B 574 5.82 -13.13 16.36
C GLY B 574 5.08 -13.16 17.68
N ASN B 575 4.59 -11.99 18.09
CA ASN B 575 3.73 -11.82 19.26
C ASN B 575 2.26 -12.03 18.89
N LYS B 576 1.54 -12.83 19.67
CA LYS B 576 0.14 -13.15 19.40
C LYS B 576 -0.78 -12.62 20.50
N LYS B 577 -0.27 -11.70 21.30
CA LYS B 577 -1.04 -11.04 22.34
C LYS B 577 -2.09 -10.09 21.75
N GLY B 578 -2.10 -9.99 20.42
CA GLY B 578 -2.93 -9.05 19.70
C GLY B 578 -4.39 -9.41 19.84
N VAL B 579 -5.22 -8.37 19.95
CA VAL B 579 -6.66 -8.55 20.10
C VAL B 579 -7.29 -8.88 18.76
N PHE B 580 -6.67 -8.43 17.67
CA PHE B 580 -6.97 -8.90 16.33
C PHE B 580 -5.77 -9.67 15.82
N THR B 581 -5.95 -10.35 14.69
CA THR B 581 -4.86 -11.04 14.00
C THR B 581 -4.07 -10.04 13.18
N ARG B 582 -2.93 -10.49 12.63
CA ARG B 582 -2.09 -9.56 11.87
C ARG B 582 -2.85 -9.01 10.68
N ASP B 583 -3.70 -9.83 10.05
CA ASP B 583 -4.54 -9.33 8.96
C ASP B 583 -5.84 -8.73 9.51
N ARG B 584 -5.86 -8.48 10.82
CA ARG B 584 -6.88 -7.65 11.44
C ARG B 584 -8.23 -8.33 11.61
N LYS B 585 -8.26 -9.57 12.04
CA LYS B 585 -9.52 -10.23 12.27
C LYS B 585 -9.81 -10.34 13.76
N PRO B 586 -11.07 -10.15 14.17
CA PRO B 586 -11.41 -10.15 15.60
C PRO B 586 -11.19 -11.51 16.28
N LYS B 587 -10.39 -11.54 17.35
CA LYS B 587 -10.40 -12.67 18.27
C LYS B 587 -11.52 -12.47 19.30
N ALA B 588 -11.89 -13.54 20.00
CA ALA B 588 -12.81 -13.45 21.13
C ALA B 588 -12.69 -12.17 21.99
N ALA B 589 -11.46 -11.77 22.34
CA ALA B 589 -11.24 -10.57 23.16
C ALA B 589 -11.70 -9.27 22.53
N ALA B 590 -11.57 -9.18 21.20
CA ALA B 590 -12.10 -8.04 20.47
C ALA B 590 -13.58 -7.81 20.84
N HIS B 591 -14.35 -8.89 20.89
CA HIS B 591 -15.76 -8.75 21.21
C HIS B 591 -15.99 -8.43 22.67
N LEU B 592 -15.22 -9.06 23.55
CA LEU B 592 -15.31 -8.73 24.96
C LEU B 592 -15.09 -7.22 25.08
N LEU B 593 -14.02 -6.74 24.45
CA LEU B 593 -13.67 -5.32 24.56
C LEU B 593 -14.80 -4.45 24.01
N ARG B 594 -15.31 -4.80 22.83
CA ARG B 594 -16.30 -3.98 22.20
C ARG B 594 -17.48 -3.83 23.11
N LYS B 595 -17.86 -4.94 23.74
CA LYS B 595 -18.96 -4.93 24.68
C LYS B 595 -18.71 -3.97 25.84
N ARG B 596 -17.52 -4.01 26.43
CA ARG B 596 -17.28 -3.19 27.61
C ARG B 596 -17.18 -1.71 27.24
N TRP B 597 -16.45 -1.43 26.16
CA TRP B 597 -16.04 -0.08 25.83
C TRP B 597 -17.16 0.74 25.21
N THR B 598 -18.08 0.11 24.50
CA THR B 598 -19.22 0.86 23.95
C THR B 598 -20.30 1.13 25.00
N ASN B 599 -20.43 0.21 25.94
CA ASN B 599 -21.63 0.19 26.77
C ASN B 599 -21.58 0.92 28.12
N LEU B 600 -20.38 1.14 28.68
CA LEU B 600 -20.25 1.95 29.91
C LEU B 600 -18.99 2.82 29.86
#